data_7SGX
#
_entry.id   7SGX
#
_cell.length_a   94.984
_cell.length_b   94.984
_cell.length_c   358.356
_cell.angle_alpha   90.000
_cell.angle_beta   90.000
_cell.angle_gamma   90.000
#
_symmetry.space_group_name_H-M   'P 43 21 2'
#
loop_
_entity.id
_entity.type
_entity.pdbx_description
1 polymer 'Cadherin 23'
2 non-polymer 'CALCIUM ION'
3 non-polymer 'CHLORIDE ION'
4 non-polymer GLYCEROL
5 water water
#
_entity_poly.entity_id   1
_entity_poly.type   'polypeptide(L)'
_entity_poly.pdbx_seq_one_letter_code
;MNRLPYFINYFFDTYLLINEDTPVGSSVTQLLARDLDNDHLVFGVVGEEASRFFAVESVTGVVWLRQPLDRETKSEFTVE
FSVSDSQGVIKGTVNIQVGDVNDNAPRFHNQPYSVRIAENTPVGTPIFIVNATDPDQGAGGSVLYSFQPPSSFFAIDSGR
GIVSVIRGLDYEITQAYQLQVNATDQDKSKPLSTLANLAITITDVQDMDPLEHHHHHH
;
_entity_poly.pdbx_strand_id   A,B,C,D
#
loop_
_chem_comp.id
_chem_comp.type
_chem_comp.name
_chem_comp.formula
CA non-polymer 'CALCIUM ION' 'Ca 2'
CL non-polymer 'CHLORIDE ION' 'Cl -1'
GOL non-polymer GLYCEROL 'C3 H8 O3'
#
# COMPACT_ATOMS: atom_id res chain seq x y z
N ASN A 2 -9.27 -31.68 -3.66
CA ASN A 2 -8.96 -30.31 -3.10
C ASN A 2 -7.47 -29.97 -3.35
N ARG A 3 -7.21 -28.87 -4.09
CA ARG A 3 -5.85 -28.41 -4.52
C ARG A 3 -5.27 -27.50 -3.44
N LEU A 4 -4.00 -27.75 -3.04
CA LEU A 4 -3.30 -27.00 -1.94
C LEU A 4 -2.93 -25.58 -2.41
N PRO A 5 -2.69 -24.64 -1.45
CA PRO A 5 -2.25 -23.29 -1.79
C PRO A 5 -0.73 -23.23 -1.91
N TYR A 6 -0.22 -22.21 -2.57
CA TYR A 6 1.22 -22.00 -2.81
C TYR A 6 1.52 -20.50 -2.82
N PHE A 7 2.68 -20.10 -2.26
CA PHE A 7 3.21 -18.72 -2.28
C PHE A 7 3.67 -18.37 -3.71
N ILE A 8 3.84 -17.07 -4.01
CA ILE A 8 4.31 -16.56 -5.33
C ILE A 8 5.45 -15.53 -5.16
N ASN A 9 5.51 -14.77 -4.04
CA ASN A 9 6.42 -13.60 -3.82
C ASN A 9 7.85 -13.93 -4.26
N TYR A 10 8.58 -12.92 -4.74
CA TYR A 10 9.98 -13.05 -5.26
C TYR A 10 10.92 -13.59 -4.20
N PHE A 11 10.62 -13.32 -2.92
CA PHE A 11 11.57 -13.51 -1.79
C PHE A 11 11.48 -14.93 -1.18
N PHE A 12 10.96 -15.92 -1.93
CA PHE A 12 11.00 -17.37 -1.56
C PHE A 12 12.07 -18.11 -2.39
N ASP A 13 12.62 -17.45 -3.42
CA ASP A 13 13.68 -17.99 -4.31
C ASP A 13 14.97 -17.20 -4.08
N THR A 14 14.88 -15.85 -4.04
CA THR A 14 16.00 -14.92 -3.71
C THR A 14 15.98 -14.62 -2.18
N TYR A 15 15.98 -13.34 -1.82
CA TYR A 15 16.04 -12.84 -0.42
C TYR A 15 15.15 -11.60 -0.29
N LEU A 16 14.69 -11.29 0.91
CA LEU A 16 13.96 -10.04 1.23
C LEU A 16 14.93 -9.09 1.92
N LEU A 17 15.09 -7.87 1.40
CA LEU A 17 15.91 -6.80 2.03
C LEU A 17 15.05 -6.00 3.01
N ILE A 18 15.55 -5.82 4.25
CA ILE A 18 14.97 -4.90 5.28
C ILE A 18 16.08 -3.99 5.80
N ASN A 19 16.07 -2.72 5.41
CA ASN A 19 17.05 -1.71 5.89
C ASN A 19 16.93 -1.59 7.40
N GLU A 20 18.05 -1.65 8.13
CA GLU A 20 18.10 -1.76 9.61
C GLU A 20 17.49 -0.51 10.29
N ASP A 21 17.32 0.61 9.55
CA ASP A 21 16.73 1.90 10.09
C ASP A 21 15.18 1.76 10.26
N THR A 22 14.57 0.67 9.72
CA THR A 22 13.11 0.34 9.79
C THR A 22 12.58 0.47 11.21
N PRO A 23 11.77 1.51 11.54
CA PRO A 23 11.11 1.55 12.85
C PRO A 23 10.31 0.26 13.11
N VAL A 24 10.11 -0.12 14.39
CA VAL A 24 9.25 -1.30 14.77
C VAL A 24 7.79 -0.92 14.55
N GLY A 25 6.97 -1.91 14.26
CA GLY A 25 5.56 -1.74 13.88
C GLY A 25 5.41 -1.43 12.41
N SER A 26 6.50 -1.44 11.66
CA SER A 26 6.50 -1.13 10.22
C SER A 26 6.28 -2.40 9.44
N SER A 27 5.45 -2.32 8.39
CA SER A 27 5.21 -3.37 7.36
C SER A 27 6.49 -3.53 6.55
N VAL A 28 6.97 -4.76 6.40
CA VAL A 28 8.23 -5.05 5.65
C VAL A 28 7.86 -5.55 4.25
N THR A 29 6.75 -6.30 4.11
CA THR A 29 6.16 -6.76 2.80
C THR A 29 4.71 -7.21 3.00
N GLN A 30 4.15 -7.89 2.00
CA GLN A 30 2.87 -8.60 2.05
C GLN A 30 3.02 -9.96 1.37
N LEU A 31 2.77 -11.04 2.10
CA LEU A 31 2.79 -12.40 1.56
C LEU A 31 1.62 -12.56 0.60
N LEU A 32 1.88 -13.17 -0.57
CA LEU A 32 0.89 -13.40 -1.66
C LEU A 32 0.90 -14.88 -1.99
N ALA A 33 -0.26 -15.52 -1.95
CA ALA A 33 -0.41 -16.95 -2.27
C ALA A 33 -1.63 -17.16 -3.17
N ARG A 34 -1.62 -18.26 -3.93
CA ARG A 34 -2.71 -18.68 -4.82
C ARG A 34 -3.20 -20.06 -4.38
N ASP A 35 -4.50 -20.20 -4.09
CA ASP A 35 -5.21 -21.49 -4.03
C ASP A 35 -5.96 -21.65 -5.35
N LEU A 36 -5.76 -22.78 -6.04
CA LEU A 36 -6.41 -23.07 -7.34
C LEU A 36 -7.93 -23.12 -7.16
N ASP A 37 -8.40 -23.45 -5.92
CA ASP A 37 -9.83 -23.62 -5.57
C ASP A 37 -10.40 -22.33 -4.90
N ASN A 38 -9.66 -21.20 -4.96
CA ASN A 38 -10.10 -19.83 -4.54
C ASN A 38 -10.55 -19.81 -3.05
N ASP A 39 -9.97 -20.67 -2.19
CA ASP A 39 -10.23 -20.71 -0.73
C ASP A 39 -9.74 -19.41 -0.10
N HIS A 40 -10.52 -18.81 0.82
CA HIS A 40 -10.07 -17.68 1.68
C HIS A 40 -8.88 -18.16 2.53
N LEU A 41 -7.66 -17.78 2.14
CA LEU A 41 -6.40 -18.20 2.80
C LEU A 41 -6.21 -17.42 4.07
N VAL A 42 -5.58 -18.05 5.06
CA VAL A 42 -5.09 -17.37 6.29
C VAL A 42 -3.59 -17.69 6.45
N PHE A 43 -2.79 -16.64 6.68
CA PHE A 43 -1.30 -16.66 6.75
C PHE A 43 -0.84 -16.62 8.20
N GLY A 44 0.39 -17.06 8.44
CA GLY A 44 1.02 -16.98 9.75
C GLY A 44 2.54 -16.93 9.66
N VAL A 45 3.18 -16.90 10.84
CA VAL A 45 4.65 -16.93 11.03
C VAL A 45 5.00 -18.12 11.91
N VAL A 46 6.00 -18.89 11.50
CA VAL A 46 6.40 -20.19 12.10
C VAL A 46 7.82 -20.05 12.68
N GLY A 47 8.13 -20.81 13.73
CA GLY A 47 9.38 -20.72 14.49
C GLY A 47 9.25 -19.72 15.63
N GLU A 48 10.25 -19.67 16.53
CA GLU A 48 10.29 -18.71 17.67
C GLU A 48 11.32 -17.62 17.37
N GLU A 49 12.39 -17.93 16.60
CA GLU A 49 13.40 -16.94 16.07
C GLU A 49 12.66 -15.89 15.22
N ALA A 50 11.93 -16.38 14.23
CA ALA A 50 11.05 -15.58 13.34
C ALA A 50 10.06 -14.76 14.16
N SER A 51 9.30 -15.42 15.07
CA SER A 51 8.06 -14.90 15.74
C SER A 51 8.37 -13.73 16.70
N ARG A 52 9.62 -13.61 17.17
CA ARG A 52 10.06 -12.51 18.08
C ARG A 52 10.55 -11.30 17.23
N PHE A 53 10.65 -11.48 15.89
CA PHE A 53 11.03 -10.42 14.89
C PHE A 53 9.80 -9.98 14.07
N PHE A 54 9.04 -10.93 13.51
CA PHE A 54 7.97 -10.69 12.49
C PHE A 54 6.61 -11.16 12.97
N ALA A 55 5.65 -10.24 13.03
CA ALA A 55 4.20 -10.52 13.17
C ALA A 55 3.54 -10.43 11.79
N VAL A 56 2.57 -11.30 11.55
CA VAL A 56 1.86 -11.47 10.27
C VAL A 56 0.38 -11.22 10.52
N GLU A 57 -0.22 -10.22 9.84
CA GLU A 57 -1.70 -10.05 9.77
C GLU A 57 -2.30 -11.33 9.17
N SER A 58 -3.24 -11.95 9.90
CA SER A 58 -3.84 -13.29 9.62
C SER A 58 -4.30 -13.37 8.18
N VAL A 59 -5.12 -12.38 7.74
CA VAL A 59 -5.91 -12.40 6.45
C VAL A 59 -5.12 -11.72 5.29
N THR A 60 -4.64 -10.49 5.48
CA THR A 60 -4.03 -9.66 4.39
C THR A 60 -2.69 -10.29 3.95
N GLY A 61 -1.98 -10.96 4.85
CA GLY A 61 -0.64 -11.51 4.60
C GLY A 61 0.45 -10.43 4.72
N VAL A 62 0.10 -9.25 5.26
CA VAL A 62 1.08 -8.19 5.58
C VAL A 62 1.97 -8.69 6.69
N VAL A 63 3.26 -8.46 6.56
CA VAL A 63 4.31 -8.87 7.52
C VAL A 63 4.91 -7.61 8.09
N TRP A 64 4.95 -7.46 9.42
CA TRP A 64 5.49 -6.24 10.09
C TRP A 64 6.50 -6.62 11.19
N LEU A 65 7.28 -5.62 11.65
CA LEU A 65 8.49 -5.78 12.48
C LEU A 65 8.14 -5.57 13.94
N ARG A 66 8.44 -6.57 14.80
CA ARG A 66 8.13 -6.61 16.26
C ARG A 66 9.31 -6.01 17.04
N GLN A 67 10.47 -6.70 17.07
CA GLN A 67 11.73 -6.28 17.75
C GLN A 67 12.63 -5.55 16.75
N PRO A 68 13.40 -4.49 17.14
CA PRO A 68 14.17 -3.72 16.17
C PRO A 68 15.33 -4.55 15.59
N LEU A 69 15.83 -4.12 14.45
CA LEU A 69 16.84 -4.84 13.64
C LEU A 69 18.20 -4.20 13.83
N ASP A 70 19.26 -4.97 13.59
CA ASP A 70 20.65 -4.46 13.54
C ASP A 70 21.53 -5.47 12.78
N ARG A 71 22.37 -4.95 11.87
CA ARG A 71 23.28 -5.74 10.99
C ARG A 71 24.63 -5.94 11.70
N GLU A 72 25.03 -4.95 12.50
CA GLU A 72 26.20 -4.99 13.42
C GLU A 72 26.08 -6.24 14.35
N THR A 73 24.85 -6.55 14.80
CA THR A 73 24.50 -7.76 15.62
C THR A 73 24.36 -8.97 14.70
N LYS A 74 23.40 -8.92 13.76
CA LYS A 74 23.03 -10.06 12.87
C LYS A 74 22.71 -9.55 11.46
N SER A 75 23.50 -9.97 10.46
CA SER A 75 23.44 -9.48 9.04
C SER A 75 22.29 -10.16 8.28
N GLU A 76 22.19 -11.47 8.37
CA GLU A 76 21.19 -12.29 7.67
C GLU A 76 20.64 -13.34 8.62
N PHE A 77 19.48 -13.90 8.30
CA PHE A 77 18.82 -15.05 8.98
C PHE A 77 17.60 -15.47 8.20
N THR A 78 17.28 -16.76 8.19
CA THR A 78 16.13 -17.35 7.45
C THR A 78 14.92 -17.45 8.40
N VAL A 79 13.73 -17.29 7.83
CA VAL A 79 12.41 -17.32 8.53
C VAL A 79 11.44 -18.13 7.65
N GLU A 80 10.50 -18.84 8.28
CA GLU A 80 9.52 -19.71 7.60
C GLU A 80 8.10 -19.17 7.86
N PHE A 81 7.34 -18.90 6.78
CA PHE A 81 5.94 -18.38 6.81
C PHE A 81 4.98 -19.49 6.41
N SER A 82 3.74 -19.43 6.90
CA SER A 82 2.69 -20.48 6.70
C SER A 82 1.41 -19.86 6.14
N VAL A 83 0.70 -20.61 5.28
CA VAL A 83 -0.60 -20.21 4.66
C VAL A 83 -1.54 -21.43 4.63
N SER A 84 -2.76 -21.28 5.17
CA SER A 84 -3.73 -22.38 5.45
C SER A 84 -4.79 -22.47 4.36
N ASP A 85 -5.23 -23.69 4.07
CA ASP A 85 -6.23 -24.06 3.04
C ASP A 85 -7.54 -24.44 3.73
N SER A 86 -7.66 -24.16 5.04
CA SER A 86 -8.78 -24.61 5.94
C SER A 86 -8.61 -26.12 6.29
N GLN A 87 -7.98 -26.90 5.40
CA GLN A 87 -7.52 -28.29 5.68
C GLN A 87 -6.13 -28.49 5.06
N GLY A 88 -5.07 -28.13 5.81
CA GLY A 88 -3.65 -28.21 5.41
C GLY A 88 -2.93 -26.86 5.59
N VAL A 89 -1.65 -26.90 6.04
CA VAL A 89 -0.75 -25.70 6.18
C VAL A 89 0.44 -25.87 5.21
N ILE A 90 0.69 -24.87 4.36
CA ILE A 90 1.92 -24.76 3.51
C ILE A 90 2.81 -23.68 4.09
N LYS A 91 4.10 -23.96 4.20
CA LYS A 91 5.13 -23.02 4.70
C LYS A 91 6.33 -23.03 3.73
N GLY A 92 7.10 -21.93 3.70
CA GLY A 92 8.24 -21.71 2.79
C GLY A 92 9.35 -20.89 3.44
N THR A 93 10.61 -21.20 3.11
CA THR A 93 11.83 -20.62 3.72
C THR A 93 12.15 -19.31 2.99
N VAL A 94 12.25 -18.21 3.75
CA VAL A 94 12.51 -16.81 3.25
C VAL A 94 13.78 -16.28 3.90
N ASN A 95 14.88 -16.26 3.14
CA ASN A 95 16.16 -15.68 3.59
C ASN A 95 16.00 -14.14 3.71
N ILE A 96 15.96 -13.62 4.93
CA ILE A 96 16.01 -12.14 5.23
C ILE A 96 17.45 -11.69 5.09
N GLN A 97 17.66 -10.40 4.82
CA GLN A 97 18.99 -9.75 4.82
C GLN A 97 18.84 -8.32 5.32
N VAL A 98 19.41 -8.01 6.47
CA VAL A 98 19.35 -6.66 7.05
C VAL A 98 20.22 -5.75 6.19
N GLY A 99 19.64 -4.71 5.61
CA GLY A 99 20.35 -3.70 4.82
C GLY A 99 21.03 -2.69 5.69
N ASP A 100 22.27 -2.35 5.39
CA ASP A 100 23.09 -1.46 6.24
C ASP A 100 22.68 -0.01 6.05
N VAL A 101 22.81 0.78 7.12
CA VAL A 101 22.95 2.27 7.06
C VAL A 101 24.15 2.68 7.90
N ASN A 102 24.54 3.93 7.82
CA ASN A 102 25.73 4.51 8.49
C ASN A 102 25.29 5.10 9.83
N ASP A 103 25.14 4.23 10.84
CA ASP A 103 24.65 4.62 12.21
C ASP A 103 25.80 4.56 13.24
N ASN A 104 27.03 4.22 12.79
CA ASN A 104 28.23 4.12 13.64
C ASN A 104 29.27 5.16 13.20
N ALA A 105 29.58 6.12 14.08
CA ALA A 105 30.75 7.02 13.97
C ALA A 105 32.00 6.21 14.25
N PRO A 106 33.18 6.56 13.69
CA PRO A 106 34.40 5.82 13.97
C PRO A 106 34.69 5.82 15.46
N ARG A 107 35.17 4.69 15.97
CA ARG A 107 35.41 4.41 17.40
C ARG A 107 36.93 4.19 17.58
N PHE A 108 37.56 4.98 18.45
CA PHE A 108 39.01 4.91 18.73
C PHE A 108 39.31 3.79 19.74
N HIS A 109 40.57 3.39 19.80
CA HIS A 109 41.09 2.33 20.68
C HIS A 109 42.33 2.85 21.40
N ASN A 110 42.27 2.98 22.72
CA ASN A 110 43.44 3.28 23.60
C ASN A 110 43.69 4.82 23.68
N GLN A 111 42.74 5.63 23.23
CA GLN A 111 42.70 7.10 23.50
C GLN A 111 42.41 7.31 24.98
N PRO A 112 42.80 8.45 25.59
CA PRO A 112 43.71 9.42 24.99
C PRO A 112 45.09 8.86 24.59
N TYR A 113 45.88 9.67 23.88
CA TYR A 113 47.23 9.31 23.40
C TYR A 113 48.27 10.27 23.96
N SER A 114 49.48 9.75 24.20
CA SER A 114 50.65 10.50 24.75
C SER A 114 51.93 9.96 24.13
N VAL A 115 52.75 10.84 23.62
CA VAL A 115 54.06 10.52 23.03
C VAL A 115 55.07 11.46 23.66
N ARG A 116 56.32 11.05 23.68
CA ARG A 116 57.44 11.80 24.23
C ARG A 116 58.60 11.69 23.25
N ILE A 117 59.02 12.82 22.66
CA ILE A 117 60.14 12.88 21.65
C ILE A 117 61.06 14.06 21.96
N ALA A 118 62.31 13.97 21.53
CA ALA A 118 63.35 15.02 21.72
C ALA A 118 63.19 16.10 20.65
N GLU A 119 63.63 17.34 20.95
CA GLU A 119 63.51 18.48 20.01
C GLU A 119 64.23 18.13 18.71
N ASN A 120 65.28 17.32 18.79
CA ASN A 120 66.18 16.97 17.63
C ASN A 120 65.58 15.86 16.75
N THR A 121 64.36 15.38 17.02
CA THR A 121 63.71 14.26 16.25
C THR A 121 63.68 14.60 14.74
N PRO A 122 64.40 13.85 13.88
CA PRO A 122 64.54 14.20 12.47
C PRO A 122 63.22 14.22 11.71
N VAL A 123 63.11 15.13 10.74
CA VAL A 123 61.86 15.49 10.03
C VAL A 123 61.46 14.38 9.06
N GLY A 124 60.34 13.73 9.32
CA GLY A 124 59.87 12.55 8.58
C GLY A 124 59.88 11.30 9.46
N THR A 125 60.34 11.43 10.71
CA THR A 125 60.34 10.34 11.71
C THR A 125 58.92 10.08 12.14
N PRO A 126 58.34 8.88 11.87
CA PRO A 126 57.05 8.50 12.45
C PRO A 126 57.21 8.26 13.95
N ILE A 127 56.33 8.85 14.76
CA ILE A 127 56.47 8.93 16.24
C ILE A 127 55.29 8.26 16.93
N PHE A 128 54.15 8.13 16.24
CA PHE A 128 52.94 7.45 16.75
C PHE A 128 52.12 6.86 15.60
N ILE A 129 51.22 5.95 15.94
CA ILE A 129 50.23 5.34 15.02
C ILE A 129 48.91 5.29 15.76
N VAL A 130 47.85 5.75 15.13
CA VAL A 130 46.48 5.84 15.70
C VAL A 130 45.62 4.82 14.97
N ASN A 131 44.59 4.31 15.63
CA ASN A 131 43.66 3.33 15.06
C ASN A 131 42.24 3.68 15.50
N ALA A 132 41.35 3.95 14.54
CA ALA A 132 39.88 3.99 14.71
C ALA A 132 39.26 2.95 13.76
N THR A 133 38.36 2.11 14.29
CA THR A 133 37.59 1.08 13.55
C THR A 133 36.23 1.67 13.16
N ASP A 134 35.56 1.04 12.19
CA ASP A 134 34.15 1.35 11.84
C ASP A 134 33.48 0.07 11.32
N PRO A 135 32.41 -0.41 12.01
CA PRO A 135 31.79 -1.71 11.69
C PRO A 135 30.80 -1.71 10.51
N ASP A 136 30.24 -0.51 10.18
CA ASP A 136 29.29 -0.24 9.06
C ASP A 136 29.78 -0.89 7.74
N GLN A 137 28.97 -0.77 6.67
CA GLN A 137 29.23 -1.31 5.30
C GLN A 137 29.88 -0.24 4.41
N GLY A 138 30.80 -0.66 3.50
CA GLY A 138 31.41 0.17 2.44
C GLY A 138 32.13 1.41 2.98
N ALA A 139 31.71 2.58 2.54
CA ALA A 139 32.32 3.90 2.86
C ALA A 139 31.95 4.32 4.29
N GLY A 140 30.85 3.81 4.82
CA GLY A 140 30.45 4.01 6.21
C GLY A 140 31.43 3.38 7.16
N GLY A 141 32.09 2.29 6.71
CA GLY A 141 32.97 1.43 7.53
C GLY A 141 34.44 1.46 7.10
N SER A 142 34.85 2.51 6.35
CA SER A 142 36.27 2.84 6.00
C SER A 142 36.62 4.22 6.57
N VAL A 143 37.83 4.38 7.11
CA VAL A 143 38.22 5.54 7.96
C VAL A 143 39.29 6.37 7.25
N LEU A 144 39.27 7.69 7.46
CA LEU A 144 40.31 8.64 7.01
C LEU A 144 40.68 9.59 8.18
N TYR A 145 41.97 9.61 8.53
CA TYR A 145 42.54 10.38 9.66
C TYR A 145 43.03 11.73 9.14
N SER A 146 42.80 12.75 9.95
CA SER A 146 43.17 14.15 9.71
C SER A 146 43.41 14.78 11.07
N PHE A 147 44.15 15.88 11.12
CA PHE A 147 44.27 16.74 12.32
C PHE A 147 43.11 17.77 12.30
N GLN A 148 42.80 18.37 13.45
CA GLN A 148 41.68 19.36 13.58
C GLN A 148 41.87 20.22 14.85
N PRO A 149 42.35 21.50 14.75
CA PRO A 149 42.73 22.11 13.46
C PRO A 149 43.89 21.39 12.80
N PRO A 150 44.31 21.78 11.57
CA PRO A 150 45.53 21.23 10.98
C PRO A 150 46.78 21.65 11.80
N SER A 151 47.90 20.92 11.64
CA SER A 151 49.18 21.20 12.34
C SER A 151 50.25 21.51 11.30
N SER A 152 51.20 22.35 11.68
CA SER A 152 52.33 22.80 10.83
C SER A 152 53.55 21.93 11.09
N PHE A 153 53.67 21.36 12.32
CA PHE A 153 54.85 20.59 12.82
C PHE A 153 54.65 19.07 12.67
N PHE A 154 53.41 18.59 12.66
CA PHE A 154 53.09 17.15 12.50
C PHE A 154 52.06 16.96 11.38
N ALA A 155 52.21 15.86 10.64
CA ALA A 155 51.20 15.33 9.67
C ALA A 155 50.67 13.99 10.17
N ILE A 156 49.63 13.46 9.51
CA ILE A 156 49.09 12.09 9.77
C ILE A 156 48.62 11.49 8.44
N ASP A 157 49.14 10.31 8.07
CA ASP A 157 48.75 9.55 6.86
C ASP A 157 47.24 9.31 6.93
N SER A 158 46.49 9.76 5.90
CA SER A 158 45.00 9.66 5.82
C SER A 158 44.55 8.19 5.82
N GLY A 159 45.40 7.30 5.27
CA GLY A 159 45.11 5.85 5.13
C GLY A 159 45.49 5.05 6.38
N ARG A 160 46.71 5.23 6.90
CA ARG A 160 47.33 4.30 7.88
C ARG A 160 47.37 4.92 9.28
N GLY A 161 47.10 6.22 9.42
CA GLY A 161 47.03 6.90 10.74
C GLY A 161 48.40 7.03 11.41
N ILE A 162 49.43 7.37 10.63
CA ILE A 162 50.85 7.52 11.07
C ILE A 162 51.11 9.00 11.36
N VAL A 163 51.46 9.35 12.59
CA VAL A 163 51.85 10.74 12.97
C VAL A 163 53.35 10.90 12.73
N SER A 164 53.74 11.64 11.70
CA SER A 164 55.17 11.93 11.36
C SER A 164 55.51 13.38 11.71
N VAL A 165 56.80 13.69 11.86
CA VAL A 165 57.35 15.07 12.01
C VAL A 165 57.52 15.65 10.61
N ILE A 166 57.17 16.93 10.41
CA ILE A 166 57.22 17.59 9.06
C ILE A 166 58.02 18.92 9.12
N ARG A 167 57.92 19.69 10.21
CA ARG A 167 58.77 20.87 10.50
C ARG A 167 59.54 20.61 11.79
N GLY A 168 60.84 20.88 11.79
CA GLY A 168 61.72 20.65 12.94
C GLY A 168 61.19 21.30 14.20
N LEU A 169 61.54 20.76 15.35
CA LEU A 169 60.98 21.17 16.65
C LEU A 169 62.00 21.98 17.43
N ASP A 170 61.58 22.60 18.53
CA ASP A 170 62.45 23.39 19.43
C ASP A 170 61.78 23.50 20.79
N TYR A 171 62.46 22.99 21.84
CA TYR A 171 61.97 22.93 23.25
C TYR A 171 61.83 24.34 23.82
N GLU A 172 62.75 25.23 23.45
CA GLU A 172 62.84 26.59 24.02
C GLU A 172 61.68 27.45 23.48
N ILE A 173 61.12 27.08 22.32
CA ILE A 173 59.96 27.74 21.68
C ILE A 173 58.65 27.10 22.25
N THR A 174 58.51 25.76 22.17
CA THR A 174 57.27 24.98 22.52
C THR A 174 57.64 23.61 23.10
N GLN A 175 57.16 23.32 24.33
CA GLN A 175 57.57 22.14 25.15
C GLN A 175 56.49 21.03 25.09
N ALA A 176 55.41 21.24 24.36
CA ALA A 176 54.24 20.34 24.30
C ALA A 176 53.32 20.73 23.13
N TYR A 177 52.54 19.80 22.68
CA TYR A 177 51.62 19.97 21.55
C TYR A 177 50.39 19.11 21.80
N GLN A 178 49.24 19.74 22.06
CA GLN A 178 47.95 19.05 22.30
C GLN A 178 47.11 19.12 21.00
N LEU A 179 47.17 18.05 20.21
CA LEU A 179 46.49 17.88 18.91
C LEU A 179 45.20 17.09 19.11
N GLN A 180 44.32 17.11 18.13
CA GLN A 180 43.12 16.27 18.07
C GLN A 180 43.14 15.54 16.75
N VAL A 181 43.33 14.26 16.78
CA VAL A 181 43.16 13.41 15.58
C VAL A 181 41.66 13.34 15.33
N ASN A 182 41.26 13.47 14.07
CA ASN A 182 39.85 13.35 13.63
C ASN A 182 39.73 12.19 12.65
N ALA A 183 38.95 11.19 13.01
CA ALA A 183 38.61 10.02 12.19
C ALA A 183 37.24 10.24 11.58
N THR A 184 37.11 9.99 10.29
CA THR A 184 35.86 10.21 9.53
C THR A 184 35.68 9.09 8.49
N ASP A 185 34.43 8.73 8.22
CA ASP A 185 34.05 7.67 7.25
C ASP A 185 33.65 8.35 5.92
N GLN A 186 33.81 7.63 4.80
CA GLN A 186 33.71 8.20 3.43
C GLN A 186 32.25 8.18 2.91
N ASP A 187 31.24 7.81 3.73
CA ASP A 187 29.81 7.89 3.29
C ASP A 187 29.55 9.33 2.81
N LYS A 188 29.48 9.52 1.48
CA LYS A 188 29.41 10.87 0.82
C LYS A 188 28.13 11.61 1.26
N SER A 189 27.01 10.89 1.43
CA SER A 189 25.68 11.42 1.84
C SER A 189 25.43 11.11 3.33
N LYS A 190 25.61 12.12 4.21
CA LYS A 190 25.51 12.01 5.69
C LYS A 190 26.72 11.22 6.21
N PRO A 191 27.91 11.87 6.39
CA PRO A 191 29.08 11.24 6.99
C PRO A 191 29.19 11.49 8.51
N LEU A 192 29.94 10.63 9.22
CA LEU A 192 30.15 10.69 10.69
C LEU A 192 31.65 10.87 10.98
N SER A 193 31.98 11.45 12.15
CA SER A 193 33.37 11.79 12.54
C SER A 193 33.46 11.93 14.06
N THR A 194 34.59 11.48 14.64
CA THR A 194 34.90 11.54 16.10
C THR A 194 36.33 12.06 16.32
N LEU A 195 36.67 12.40 17.56
CA LEU A 195 37.93 13.08 17.96
C LEU A 195 38.64 12.26 19.04
N ALA A 196 39.95 12.17 18.94
CA ALA A 196 40.83 11.66 20.00
C ALA A 196 41.93 12.71 20.27
N ASN A 197 42.26 12.91 21.54
CA ASN A 197 43.36 13.78 21.99
C ASN A 197 44.70 13.03 21.81
N LEU A 198 45.74 13.76 21.41
CA LEU A 198 47.12 13.27 21.25
C LEU A 198 48.07 14.33 21.80
N ALA A 199 48.67 14.08 22.98
CA ALA A 199 49.49 15.07 23.74
C ALA A 199 50.99 14.75 23.61
N ILE A 200 51.63 15.30 22.57
CA ILE A 200 53.08 15.16 22.29
C ILE A 200 53.86 16.08 23.25
N THR A 201 54.55 15.49 24.24
CA THR A 201 55.53 16.16 25.14
C THR A 201 56.90 16.16 24.49
N ILE A 202 57.59 17.32 24.49
CA ILE A 202 58.91 17.50 23.82
C ILE A 202 59.99 17.56 24.88
N THR A 203 61.07 16.82 24.67
CA THR A 203 62.20 16.67 25.64
C THR A 203 63.38 17.54 25.17
N ASP A 204 63.96 18.30 26.10
CA ASP A 204 65.10 19.23 25.91
C ASP A 204 66.32 18.39 25.48
N VAL A 205 67.25 18.98 24.70
CA VAL A 205 68.64 18.45 24.45
C VAL A 205 69.61 19.66 24.41
N GLN A 206 70.87 19.48 23.97
CA GLN A 206 71.92 20.54 24.04
C GLN A 206 72.01 21.26 22.69
N ASP A 207 72.11 22.61 22.72
CA ASP A 207 72.13 23.50 21.51
C ASP A 207 73.08 24.69 21.78
N ASN B 2 -25.48 7.58 9.63
CA ASN B 2 -24.27 8.01 8.87
C ASN B 2 -24.56 9.38 8.22
N ARG B 3 -23.51 10.19 8.01
CA ARG B 3 -23.60 11.59 7.52
C ARG B 3 -23.19 11.66 6.03
N LEU B 4 -22.88 12.86 5.52
CA LEU B 4 -22.28 13.13 4.18
C LEU B 4 -20.86 13.70 4.39
N PRO B 5 -19.87 13.47 3.45
CA PRO B 5 -18.50 13.95 3.63
C PRO B 5 -18.19 15.32 2.97
N TYR B 6 -16.91 15.72 2.98
CA TYR B 6 -16.41 17.02 2.45
C TYR B 6 -14.86 16.96 2.27
N PHE B 7 -14.36 17.71 1.27
CA PHE B 7 -12.92 17.79 0.89
C PHE B 7 -12.18 18.69 1.87
N ILE B 8 -10.96 18.30 2.26
CA ILE B 8 -10.18 18.95 3.34
C ILE B 8 -8.78 19.39 2.83
N ASN B 9 -8.53 19.37 1.52
CA ASN B 9 -7.22 19.76 0.92
C ASN B 9 -7.13 21.31 0.88
N TYR B 10 -5.91 21.87 0.90
CA TYR B 10 -5.63 23.33 1.02
C TYR B 10 -6.02 24.08 -0.27
N PHE B 11 -5.96 23.41 -1.42
CA PHE B 11 -6.01 24.04 -2.77
C PHE B 11 -7.48 24.32 -3.20
N PHE B 12 -8.46 23.55 -2.70
CA PHE B 12 -9.92 23.68 -3.04
C PHE B 12 -10.40 25.14 -2.90
N ASP B 13 -9.83 25.86 -1.93
CA ASP B 13 -10.14 27.28 -1.62
C ASP B 13 -9.22 28.19 -2.48
N THR B 14 -7.92 27.85 -2.55
CA THR B 14 -6.82 28.70 -3.16
C THR B 14 -6.55 28.27 -4.63
N TYR B 15 -5.46 27.51 -4.87
CA TYR B 15 -5.07 26.96 -6.21
C TYR B 15 -4.04 25.81 -6.02
N LEU B 16 -3.75 25.04 -7.08
CA LEU B 16 -2.81 23.86 -7.06
C LEU B 16 -1.80 23.95 -8.21
N LEU B 17 -0.49 23.84 -7.89
CA LEU B 17 0.64 23.95 -8.84
C LEU B 17 1.10 22.54 -9.30
N ILE B 18 1.10 22.29 -10.62
CA ILE B 18 1.88 21.19 -11.28
C ILE B 18 2.90 21.85 -12.19
N ASN B 19 4.16 21.51 -12.05
CA ASN B 19 5.23 22.03 -12.94
C ASN B 19 5.15 21.25 -14.24
N GLU B 20 5.22 21.94 -15.38
CA GLU B 20 4.91 21.40 -16.73
C GLU B 20 5.83 20.19 -17.07
N ASP B 21 6.90 19.94 -16.30
CA ASP B 21 7.89 18.86 -16.57
C ASP B 21 7.38 17.52 -16.01
N THR B 22 6.34 17.54 -15.13
CA THR B 22 5.75 16.35 -14.41
C THR B 22 5.47 15.21 -15.39
N PRO B 23 6.26 14.10 -15.38
CA PRO B 23 6.05 13.02 -16.35
C PRO B 23 4.60 12.47 -16.36
N VAL B 24 4.25 11.82 -17.47
CA VAL B 24 2.98 11.07 -17.66
C VAL B 24 2.97 9.95 -16.64
N GLY B 25 1.85 9.79 -15.94
CA GLY B 25 1.60 8.68 -15.00
C GLY B 25 2.20 8.92 -13.63
N SER B 26 2.24 10.19 -13.19
CA SER B 26 2.92 10.64 -11.96
C SER B 26 1.91 11.21 -10.97
N SER B 27 2.03 10.83 -9.69
CA SER B 27 1.18 11.31 -8.57
C SER B 27 1.30 12.83 -8.48
N VAL B 28 0.33 13.55 -9.02
CA VAL B 28 0.22 15.04 -8.94
C VAL B 28 0.02 15.44 -7.47
N THR B 29 -0.99 14.86 -6.83
CA THR B 29 -1.40 15.18 -5.44
C THR B 29 -2.06 13.93 -4.83
N GLN B 30 -2.77 14.11 -3.73
CA GLN B 30 -3.57 13.07 -3.04
C GLN B 30 -4.82 13.75 -2.48
N LEU B 31 -5.98 13.36 -2.95
CA LEU B 31 -7.26 13.85 -2.41
C LEU B 31 -7.42 13.34 -0.98
N LEU B 32 -7.77 14.24 -0.05
CA LEU B 32 -7.98 13.96 1.39
C LEU B 32 -9.38 14.46 1.77
N ALA B 33 -10.15 13.63 2.48
CA ALA B 33 -11.53 13.93 2.93
C ALA B 33 -11.84 13.24 4.28
N ARG B 34 -12.91 13.66 4.97
CA ARG B 34 -13.40 13.09 6.25
C ARG B 34 -14.94 13.12 6.25
N ASP B 35 -15.59 12.00 6.64
CA ASP B 35 -17.08 11.84 6.71
C ASP B 35 -17.58 12.08 8.14
N LEU B 36 -16.71 11.86 9.14
CA LEU B 36 -16.99 12.00 10.61
C LEU B 36 -17.48 10.66 11.19
N ASP B 37 -17.82 9.67 10.33
CA ASP B 37 -18.21 8.28 10.73
C ASP B 37 -17.22 7.26 10.12
N ASN B 38 -16.02 7.75 9.69
CA ASN B 38 -14.79 6.98 9.28
C ASN B 38 -15.13 5.82 8.28
N ASP B 39 -16.25 5.90 7.56
CA ASP B 39 -16.70 4.85 6.60
C ASP B 39 -15.83 4.92 5.33
N HIS B 40 -15.73 3.79 4.60
CA HIS B 40 -14.93 3.65 3.34
C HIS B 40 -15.46 4.66 2.31
N LEU B 41 -14.57 5.39 1.66
CA LEU B 41 -14.93 6.46 0.67
C LEU B 41 -14.47 6.06 -0.72
N VAL B 42 -15.09 6.66 -1.75
CA VAL B 42 -14.70 6.52 -3.18
C VAL B 42 -14.49 7.92 -3.76
N PHE B 43 -13.27 8.22 -4.22
CA PHE B 43 -12.87 9.49 -4.89
C PHE B 43 -12.95 9.30 -6.41
N GLY B 44 -13.21 10.39 -7.12
CA GLY B 44 -13.29 10.39 -8.60
C GLY B 44 -13.00 11.77 -9.18
N VAL B 45 -13.18 11.90 -10.50
CA VAL B 45 -12.99 13.17 -11.27
C VAL B 45 -14.16 13.30 -12.24
N VAL B 46 -14.55 14.53 -12.55
CA VAL B 46 -15.77 14.84 -13.35
C VAL B 46 -15.41 15.81 -14.49
N GLY B 47 -16.03 15.59 -15.66
CA GLY B 47 -15.83 16.39 -16.89
C GLY B 47 -14.80 15.76 -17.79
N GLU B 48 -14.93 15.92 -19.12
CA GLU B 48 -13.93 15.45 -20.13
C GLU B 48 -12.77 16.48 -20.22
N GLU B 49 -12.96 17.68 -19.63
CA GLU B 49 -11.89 18.72 -19.41
C GLU B 49 -10.78 18.12 -18.52
N ALA B 50 -11.18 17.54 -17.39
CA ALA B 50 -10.30 17.00 -16.33
C ALA B 50 -9.96 15.52 -16.59
N SER B 51 -10.92 14.73 -17.12
CA SER B 51 -10.84 13.23 -17.28
C SER B 51 -9.81 12.83 -18.37
N ARG B 52 -9.36 13.79 -19.20
CA ARG B 52 -8.30 13.58 -20.23
C ARG B 52 -7.03 14.37 -19.84
N PHE B 53 -6.96 14.88 -18.59
CA PHE B 53 -5.74 15.45 -17.94
C PHE B 53 -5.37 14.61 -16.72
N PHE B 54 -6.30 14.48 -15.78
CA PHE B 54 -6.11 13.80 -14.47
C PHE B 54 -6.97 12.55 -14.37
N ALA B 55 -6.34 11.41 -14.08
CA ALA B 55 -6.97 10.20 -13.50
C ALA B 55 -6.98 10.34 -11.96
N VAL B 56 -7.86 9.59 -11.29
CA VAL B 56 -7.99 9.54 -9.80
C VAL B 56 -8.18 8.10 -9.39
N GLU B 57 -7.71 7.73 -8.20
CA GLU B 57 -7.98 6.40 -7.63
C GLU B 57 -9.28 6.47 -6.83
N SER B 58 -10.15 5.48 -7.03
CA SER B 58 -11.42 5.29 -6.28
C SER B 58 -11.14 5.39 -4.77
N VAL B 59 -10.17 4.60 -4.29
CA VAL B 59 -9.92 4.31 -2.84
C VAL B 59 -8.97 5.37 -2.23
N THR B 60 -7.69 5.36 -2.64
CA THR B 60 -6.56 6.08 -1.97
C THR B 60 -6.65 7.61 -2.21
N GLY B 61 -7.19 8.04 -3.35
CA GLY B 61 -7.37 9.48 -3.68
C GLY B 61 -6.15 10.08 -4.40
N VAL B 62 -5.15 9.26 -4.71
CA VAL B 62 -3.97 9.65 -5.54
C VAL B 62 -4.51 10.14 -6.89
N VAL B 63 -4.13 11.36 -7.30
CA VAL B 63 -4.40 11.96 -8.65
C VAL B 63 -3.19 11.68 -9.58
N TRP B 64 -3.42 11.00 -10.72
CA TRP B 64 -2.39 10.79 -11.79
C TRP B 64 -2.51 11.87 -12.87
N LEU B 65 -1.60 11.83 -13.84
CA LEU B 65 -1.58 12.72 -15.00
C LEU B 65 -1.53 11.86 -16.25
N ARG B 66 -2.53 12.00 -17.13
CA ARG B 66 -2.72 11.18 -18.37
C ARG B 66 -1.96 11.82 -19.54
N GLN B 67 -2.29 13.06 -19.89
CA GLN B 67 -1.72 13.81 -21.05
C GLN B 67 -0.71 14.83 -20.53
N PRO B 68 0.53 14.91 -21.15
CA PRO B 68 1.55 15.88 -20.73
C PRO B 68 1.03 17.31 -20.65
N LEU B 69 1.72 18.17 -19.90
CA LEU B 69 1.31 19.58 -19.66
C LEU B 69 2.27 20.54 -20.38
N ASP B 70 1.84 21.81 -20.55
CA ASP B 70 2.65 22.91 -21.12
C ASP B 70 2.03 24.27 -20.74
N ARG B 71 2.78 25.14 -20.02
CA ARG B 71 2.34 26.54 -19.72
C ARG B 71 2.11 27.26 -21.02
N GLU B 72 3.07 27.14 -21.95
CA GLU B 72 3.07 27.78 -23.28
C GLU B 72 1.67 27.62 -23.91
N THR B 73 1.22 26.37 -24.09
CA THR B 73 -0.12 26.02 -24.63
C THR B 73 -1.19 26.50 -23.65
N LYS B 74 -1.42 25.77 -22.54
CA LYS B 74 -2.49 26.03 -21.51
C LYS B 74 -1.86 26.04 -20.12
N SER B 75 -1.91 27.20 -19.43
CA SER B 75 -1.24 27.49 -18.13
C SER B 75 -2.20 27.29 -16.94
N GLU B 76 -3.46 27.67 -17.10
CA GLU B 76 -4.50 27.68 -16.03
C GLU B 76 -5.76 26.98 -16.56
N PHE B 77 -6.44 26.19 -15.71
CA PHE B 77 -7.76 25.57 -16.02
C PHE B 77 -8.42 25.06 -14.74
N THR B 78 -9.75 25.15 -14.70
CA THR B 78 -10.61 24.73 -13.56
C THR B 78 -11.01 23.26 -13.76
N VAL B 79 -10.86 22.45 -12.70
CA VAL B 79 -11.20 21.00 -12.63
C VAL B 79 -12.25 20.79 -11.54
N GLU B 80 -13.06 19.72 -11.65
CA GLU B 80 -14.12 19.35 -10.69
C GLU B 80 -13.90 17.91 -10.23
N PHE B 81 -13.42 17.75 -8.99
CA PHE B 81 -13.22 16.44 -8.31
C PHE B 81 -14.49 16.09 -7.52
N SER B 82 -14.72 14.78 -7.29
CA SER B 82 -15.90 14.24 -6.54
C SER B 82 -15.45 13.14 -5.55
N VAL B 83 -15.89 13.25 -4.30
CA VAL B 83 -15.71 12.22 -3.24
C VAL B 83 -17.11 11.73 -2.82
N SER B 84 -17.25 10.43 -2.59
CA SER B 84 -18.54 9.73 -2.43
C SER B 84 -18.45 8.69 -1.30
N ASP B 85 -19.40 8.75 -0.35
CA ASP B 85 -19.79 7.62 0.54
C ASP B 85 -20.69 6.69 -0.30
N SER B 86 -21.22 5.63 0.29
CA SER B 86 -22.15 4.68 -0.40
C SER B 86 -23.50 5.39 -0.72
N GLN B 87 -23.83 6.49 0.01
CA GLN B 87 -25.14 7.20 -0.04
C GLN B 87 -24.94 8.72 -0.27
N GLY B 88 -24.03 9.14 -1.16
CA GLY B 88 -23.80 10.58 -1.46
C GLY B 88 -22.75 10.83 -2.56
N VAL B 89 -22.72 12.06 -3.12
CA VAL B 89 -21.77 12.52 -4.20
C VAL B 89 -21.48 14.04 -4.00
N ILE B 90 -20.39 14.38 -3.26
CA ILE B 90 -19.95 15.79 -2.97
C ILE B 90 -18.87 16.20 -3.98
N LYS B 91 -19.07 17.30 -4.71
CA LYS B 91 -18.17 17.80 -5.79
C LYS B 91 -17.62 19.18 -5.42
N GLY B 92 -16.29 19.31 -5.33
CA GLY B 92 -15.57 20.58 -5.10
C GLY B 92 -14.86 21.04 -6.37
N THR B 93 -14.69 22.36 -6.52
CA THR B 93 -14.04 23.01 -7.70
C THR B 93 -12.66 23.58 -7.26
N VAL B 94 -11.61 23.27 -8.01
CA VAL B 94 -10.18 23.63 -7.68
C VAL B 94 -9.50 24.16 -8.94
N ASN B 95 -8.98 25.39 -8.86
CA ASN B 95 -8.13 26.01 -9.91
C ASN B 95 -6.78 25.27 -9.97
N ILE B 96 -6.33 24.94 -11.19
CA ILE B 96 -4.98 24.38 -11.46
C ILE B 96 -4.11 25.47 -12.09
N GLN B 97 -2.80 25.45 -11.81
CA GLN B 97 -1.78 26.39 -12.34
C GLN B 97 -0.58 25.57 -12.80
N VAL B 98 -0.20 25.67 -14.07
CA VAL B 98 0.98 24.94 -14.62
C VAL B 98 2.23 25.82 -14.39
N GLY B 99 3.00 25.52 -13.35
CA GLY B 99 4.29 26.16 -13.05
C GLY B 99 5.25 25.94 -14.18
N ASP B 100 6.03 26.95 -14.53
CA ASP B 100 6.88 26.94 -15.74
C ASP B 100 8.23 26.32 -15.43
N VAL B 101 8.86 25.79 -16.46
CA VAL B 101 10.25 25.32 -16.49
C VAL B 101 10.94 25.99 -17.66
N ASN B 102 12.26 26.14 -17.58
CA ASN B 102 13.11 26.59 -18.72
C ASN B 102 13.32 25.38 -19.66
N ASP B 103 12.29 25.05 -20.45
CA ASP B 103 12.26 23.86 -21.34
C ASP B 103 12.48 24.29 -22.80
N ASN B 104 12.51 25.62 -23.07
CA ASN B 104 12.73 26.20 -24.44
C ASN B 104 14.05 26.99 -24.49
N ALA B 105 14.90 26.66 -25.45
CA ALA B 105 16.06 27.47 -25.85
C ALA B 105 15.56 28.62 -26.73
N PRO B 106 16.32 29.71 -26.90
CA PRO B 106 15.91 30.78 -27.80
C PRO B 106 15.77 30.26 -29.23
N ARG B 107 14.81 30.83 -29.98
CA ARG B 107 14.46 30.46 -31.38
C ARG B 107 14.71 31.66 -32.27
N PHE B 108 15.39 31.45 -33.40
CA PHE B 108 15.54 32.43 -34.52
C PHE B 108 14.55 32.07 -35.63
N HIS B 109 14.09 33.04 -36.42
CA HIS B 109 13.43 32.82 -37.73
C HIS B 109 14.27 33.47 -38.83
N ASN B 110 14.39 32.81 -39.98
CA ASN B 110 14.89 33.40 -41.25
C ASN B 110 16.41 33.20 -41.39
N GLN B 111 17.05 32.48 -40.46
CA GLN B 111 18.45 31.99 -40.62
C GLN B 111 18.46 30.96 -41.75
N PRO B 112 19.50 30.92 -42.61
CA PRO B 112 20.72 31.67 -42.39
C PRO B 112 20.58 33.18 -42.69
N TYR B 113 21.63 33.90 -42.38
CA TYR B 113 21.70 35.37 -42.46
C TYR B 113 22.88 35.77 -43.36
N SER B 114 22.62 36.39 -44.50
CA SER B 114 23.62 37.08 -45.34
C SER B 114 23.42 38.58 -45.20
N VAL B 115 24.51 39.36 -45.28
CA VAL B 115 24.50 40.85 -45.14
C VAL B 115 25.65 41.42 -45.96
N ARG B 116 25.35 42.18 -47.02
CA ARG B 116 26.38 42.82 -47.91
C ARG B 116 26.61 44.26 -47.49
N ILE B 117 27.88 44.60 -47.22
CA ILE B 117 28.36 45.97 -46.92
C ILE B 117 29.66 46.19 -47.70
N ALA B 118 30.11 47.45 -47.80
CA ALA B 118 31.33 47.85 -48.56
C ALA B 118 32.45 48.16 -47.57
N GLU B 119 33.71 47.88 -47.94
CA GLU B 119 34.93 48.12 -47.10
C GLU B 119 34.80 49.49 -46.38
N ASN B 120 34.34 50.52 -47.10
CA ASN B 120 34.27 51.93 -46.62
C ASN B 120 33.16 52.11 -45.55
N THR B 121 32.34 51.10 -45.26
CA THR B 121 31.21 51.20 -44.29
C THR B 121 31.77 51.76 -42.98
N PRO B 122 31.34 52.98 -42.57
CA PRO B 122 31.83 53.62 -41.35
C PRO B 122 31.78 52.76 -40.08
N VAL B 123 32.55 53.16 -39.05
CA VAL B 123 32.65 52.46 -37.74
C VAL B 123 31.62 53.08 -36.77
N GLY B 124 30.78 52.24 -36.15
CA GLY B 124 29.61 52.65 -35.34
C GLY B 124 28.30 52.38 -36.07
N THR B 125 28.41 52.02 -37.36
CA THR B 125 27.27 51.70 -38.26
C THR B 125 26.64 50.39 -37.84
N PRO B 126 25.37 50.40 -37.37
CA PRO B 126 24.58 49.17 -37.30
C PRO B 126 24.31 48.64 -38.73
N ILE B 127 24.64 47.37 -39.00
CA ILE B 127 24.50 46.75 -40.35
C ILE B 127 23.48 45.61 -40.31
N PHE B 128 23.07 45.17 -39.12
CA PHE B 128 22.22 43.98 -38.95
C PHE B 128 21.60 43.98 -37.55
N ILE B 129 20.49 43.29 -37.43
CA ILE B 129 19.65 43.20 -36.22
C ILE B 129 19.14 41.78 -36.16
N VAL B 130 18.86 41.28 -34.98
CA VAL B 130 18.34 39.91 -34.79
C VAL B 130 17.69 39.82 -33.39
N ASN B 131 16.55 39.15 -33.32
CA ASN B 131 15.73 39.02 -32.09
C ASN B 131 15.26 37.57 -32.00
N ALA B 132 16.05 36.71 -31.37
CA ALA B 132 15.70 35.32 -31.00
C ALA B 132 14.65 35.34 -29.84
N THR B 133 13.55 34.58 -30.00
CA THR B 133 12.37 34.57 -29.08
C THR B 133 12.50 33.40 -28.10
N ASP B 134 12.03 33.62 -26.87
CA ASP B 134 12.00 32.63 -25.77
C ASP B 134 10.71 32.82 -25.00
N PRO B 135 9.77 31.85 -25.09
CA PRO B 135 8.43 32.02 -24.52
C PRO B 135 8.36 31.75 -23.02
N ASP B 136 9.39 31.11 -22.45
CA ASP B 136 9.50 30.75 -21.01
C ASP B 136 9.19 31.98 -20.16
N GLN B 137 8.97 31.81 -18.84
CA GLN B 137 8.58 32.92 -17.91
C GLN B 137 9.84 33.46 -17.19
N GLY B 138 9.82 34.76 -16.83
CA GLY B 138 10.83 35.47 -16.00
C GLY B 138 12.23 35.37 -16.56
N ALA B 139 13.12 34.68 -15.84
CA ALA B 139 14.56 34.59 -16.09
C ALA B 139 14.83 33.85 -17.41
N GLY B 140 14.15 32.72 -17.62
CA GLY B 140 14.39 31.79 -18.73
C GLY B 140 13.83 32.29 -20.06
N GLY B 141 13.02 33.36 -20.04
CA GLY B 141 12.34 33.93 -21.23
C GLY B 141 13.05 35.17 -21.77
N SER B 142 14.09 35.64 -21.08
CA SER B 142 14.86 36.86 -21.43
C SER B 142 16.19 36.46 -22.04
N VAL B 143 16.54 37.08 -23.17
CA VAL B 143 17.66 36.65 -24.06
C VAL B 143 18.76 37.71 -24.09
N LEU B 144 20.03 37.28 -24.00
CA LEU B 144 21.23 38.11 -24.25
C LEU B 144 21.96 37.55 -25.46
N TYR B 145 22.24 38.41 -26.45
CA TYR B 145 22.97 38.06 -27.70
C TYR B 145 24.47 38.30 -27.43
N SER B 146 25.35 37.68 -28.22
CA SER B 146 26.81 37.70 -28.03
C SER B 146 27.49 36.82 -29.07
N PHE B 147 28.58 37.27 -29.64
CA PHE B 147 29.40 36.52 -30.61
C PHE B 147 30.15 35.39 -29.88
N GLN B 148 30.48 34.30 -30.61
CA GLN B 148 31.11 33.04 -30.04
C GLN B 148 31.43 32.08 -31.20
N PRO B 149 32.66 32.13 -31.80
CA PRO B 149 33.81 32.84 -31.20
C PRO B 149 33.63 34.37 -31.12
N PRO B 150 34.34 35.07 -30.20
CA PRO B 150 34.34 36.54 -30.18
C PRO B 150 34.82 37.10 -31.53
N SER B 151 34.50 38.37 -31.82
CA SER B 151 34.83 39.05 -33.10
C SER B 151 35.65 40.32 -32.85
N SER B 152 36.61 40.59 -33.72
CA SER B 152 37.50 41.77 -33.67
C SER B 152 36.79 42.96 -34.34
N PHE B 153 36.35 42.77 -35.58
CA PHE B 153 35.83 43.83 -36.49
C PHE B 153 34.41 44.24 -36.08
N PHE B 154 33.57 43.29 -35.64
CA PHE B 154 32.14 43.52 -35.26
C PHE B 154 31.90 43.25 -33.77
N ALA B 155 30.85 43.86 -33.23
CA ALA B 155 30.30 43.61 -31.88
C ALA B 155 28.79 43.74 -31.95
N ILE B 156 28.09 43.34 -30.89
CA ILE B 156 26.60 43.21 -30.90
C ILE B 156 26.05 43.53 -29.51
N ASP B 157 25.26 44.61 -29.41
CA ASP B 157 24.56 44.98 -28.15
C ASP B 157 23.90 43.71 -27.62
N SER B 158 24.20 43.32 -26.39
CA SER B 158 23.67 42.10 -25.77
C SER B 158 22.14 42.22 -25.58
N GLY B 159 21.59 43.44 -25.42
CA GLY B 159 20.16 43.67 -25.10
C GLY B 159 19.27 43.69 -26.35
N ARG B 160 19.69 44.43 -27.37
CA ARG B 160 18.84 44.83 -28.52
C ARG B 160 19.06 43.90 -29.72
N GLY B 161 20.25 43.34 -29.85
CA GLY B 161 20.59 42.36 -30.90
C GLY B 161 21.09 43.04 -32.17
N ILE B 162 21.77 44.18 -32.03
CA ILE B 162 22.18 45.07 -33.14
C ILE B 162 23.69 44.86 -33.41
N VAL B 163 24.01 44.16 -34.48
CA VAL B 163 25.40 43.97 -34.97
C VAL B 163 25.88 45.27 -35.59
N SER B 164 27.02 45.79 -35.15
CA SER B 164 27.66 47.03 -35.66
C SER B 164 29.13 46.77 -35.95
N VAL B 165 29.73 47.60 -36.78
CA VAL B 165 31.18 47.59 -37.11
C VAL B 165 31.92 48.42 -36.03
N ILE B 166 32.98 47.85 -35.39
CA ILE B 166 33.77 48.52 -34.31
C ILE B 166 35.24 48.71 -34.75
N ARG B 167 35.59 48.27 -35.96
CA ARG B 167 36.94 48.48 -36.57
C ARG B 167 36.77 48.82 -38.06
N GLY B 168 37.85 49.20 -38.74
CA GLY B 168 37.88 49.41 -40.19
C GLY B 168 37.92 48.09 -40.93
N LEU B 169 37.49 48.08 -42.17
CA LEU B 169 37.49 46.87 -43.04
C LEU B 169 38.19 47.23 -44.34
N ASP B 170 38.76 46.24 -45.03
CA ASP B 170 39.38 46.41 -46.37
C ASP B 170 39.19 45.13 -47.16
N TYR B 171 38.60 45.24 -48.36
CA TYR B 171 38.23 44.12 -49.27
C TYR B 171 39.48 43.32 -49.65
N GLU B 172 40.61 44.02 -49.84
CA GLU B 172 41.90 43.44 -50.30
C GLU B 172 42.54 42.62 -49.15
N ILE B 173 42.10 42.81 -47.90
CA ILE B 173 42.47 41.94 -46.74
C ILE B 173 41.48 40.75 -46.69
N THR B 174 40.21 41.03 -46.29
CA THR B 174 39.14 40.00 -45.99
C THR B 174 37.87 40.28 -46.83
N GLN B 175 37.51 39.34 -47.72
CA GLN B 175 36.35 39.50 -48.66
C GLN B 175 35.04 39.02 -48.02
N ALA B 176 35.06 38.56 -46.76
CA ALA B 176 33.89 37.97 -46.05
C ALA B 176 34.28 37.49 -44.66
N TYR B 177 33.35 37.52 -43.72
CA TYR B 177 33.49 36.99 -42.34
C TYR B 177 32.28 36.11 -42.02
N GLN B 178 32.51 34.89 -41.50
CA GLN B 178 31.46 34.02 -40.87
C GLN B 178 31.48 34.27 -39.38
N LEU B 179 30.33 34.26 -38.73
CA LEU B 179 30.17 34.57 -37.30
C LEU B 179 29.09 33.68 -36.72
N GLN B 180 29.04 33.57 -35.39
CA GLN B 180 28.02 32.79 -34.66
C GLN B 180 27.41 33.70 -33.59
N VAL B 181 26.19 34.19 -33.83
CA VAL B 181 25.38 34.90 -32.80
C VAL B 181 24.98 33.84 -31.79
N ASN B 182 24.96 34.19 -30.51
CA ASN B 182 24.58 33.24 -29.44
C ASN B 182 23.53 33.90 -28.54
N ALA B 183 22.27 33.52 -28.75
CA ALA B 183 21.14 33.84 -27.85
C ALA B 183 21.20 32.92 -26.62
N THR B 184 21.15 33.49 -25.41
CA THR B 184 21.25 32.77 -24.10
C THR B 184 20.29 33.38 -23.09
N ASP B 185 19.48 32.54 -22.43
CA ASP B 185 18.46 32.99 -21.44
C ASP B 185 19.17 33.29 -20.12
N GLN B 186 18.42 33.67 -19.07
CA GLN B 186 18.96 34.25 -17.82
C GLN B 186 18.42 33.48 -16.57
N ASP B 187 18.06 32.22 -16.72
CA ASP B 187 17.73 31.30 -15.58
C ASP B 187 19.07 30.76 -15.04
N LYS B 188 19.36 30.97 -13.74
CA LYS B 188 20.71 30.77 -13.11
C LYS B 188 21.08 29.28 -13.11
N SER B 189 20.22 28.43 -12.55
CA SER B 189 20.43 26.96 -12.43
C SER B 189 20.50 26.32 -13.84
N LYS B 190 19.49 26.57 -14.67
CA LYS B 190 19.31 25.97 -16.03
C LYS B 190 19.74 26.98 -17.09
N PRO B 191 20.95 26.84 -17.70
CA PRO B 191 21.32 27.63 -18.87
C PRO B 191 20.78 26.95 -20.13
N LEU B 192 20.47 27.72 -21.16
CA LEU B 192 20.00 27.22 -22.49
C LEU B 192 20.38 28.26 -23.57
N SER B 193 20.93 27.80 -24.68
CA SER B 193 21.57 28.65 -25.70
C SER B 193 21.55 27.98 -27.05
N THR B 194 21.34 28.78 -28.12
CA THR B 194 21.29 28.35 -29.55
C THR B 194 22.19 29.27 -30.39
N LEU B 195 22.96 28.69 -31.32
CA LEU B 195 23.83 29.42 -32.29
C LEU B 195 23.01 29.74 -33.52
N ALA B 196 23.50 30.69 -34.31
CA ALA B 196 22.91 31.11 -35.61
C ALA B 196 24.01 31.73 -36.47
N ASN B 197 24.06 31.35 -37.74
CA ASN B 197 25.14 31.75 -38.68
C ASN B 197 24.80 33.12 -39.26
N LEU B 198 25.68 34.11 -39.05
CA LEU B 198 25.65 35.46 -39.68
C LEU B 198 26.88 35.62 -40.61
N ALA B 199 26.67 35.79 -41.94
CA ALA B 199 27.72 35.82 -42.99
C ALA B 199 27.83 37.22 -43.57
N ILE B 200 28.63 38.08 -42.95
CA ILE B 200 28.91 39.45 -43.45
C ILE B 200 29.78 39.34 -44.71
N THR B 201 29.20 39.63 -45.87
CA THR B 201 29.88 39.77 -47.18
C THR B 201 30.45 41.19 -47.32
N ILE B 202 31.60 41.36 -47.99
CA ILE B 202 32.28 42.68 -48.19
C ILE B 202 32.42 42.97 -49.68
N THR B 203 32.30 44.24 -50.07
CA THR B 203 32.31 44.71 -51.46
C THR B 203 33.40 45.79 -51.64
N ASP B 204 34.06 45.79 -52.81
CA ASP B 204 35.25 46.63 -53.11
C ASP B 204 34.81 48.06 -53.46
N VAL B 205 35.71 49.04 -53.29
CA VAL B 205 35.55 50.46 -53.71
C VAL B 205 36.95 51.02 -54.08
N GLN B 206 37.02 52.22 -54.69
CA GLN B 206 38.25 52.81 -55.31
C GLN B 206 39.02 53.66 -54.27
N ASP B 207 39.94 53.04 -53.52
CA ASP B 207 40.76 53.70 -52.45
C ASP B 207 42.24 53.44 -52.74
N ASN C 2 4.70 27.08 12.32
CA ASN C 2 4.70 25.65 12.74
C ASN C 2 3.47 25.39 13.62
N ARG C 3 2.42 24.78 13.03
CA ARG C 3 1.20 24.27 13.73
C ARG C 3 1.43 22.81 14.10
N LEU C 4 1.38 22.46 15.40
CA LEU C 4 1.56 21.06 15.88
C LEU C 4 0.30 20.26 15.53
N PRO C 5 0.45 18.96 15.15
CA PRO C 5 -0.70 18.15 14.75
C PRO C 5 -1.61 17.75 15.94
N TYR C 6 -2.76 17.16 15.63
CA TYR C 6 -3.80 16.71 16.60
C TYR C 6 -4.56 15.51 16.00
N PHE C 7 -4.80 14.47 16.80
CA PHE C 7 -5.51 13.23 16.39
C PHE C 7 -6.97 13.56 16.09
N ILE C 8 -7.60 12.81 15.17
CA ILE C 8 -9.01 13.02 14.71
C ILE C 8 -9.89 11.83 15.16
N ASN C 9 -9.35 10.60 15.20
CA ASN C 9 -10.10 9.35 15.53
C ASN C 9 -11.04 9.61 16.73
N TYR C 10 -12.26 9.07 16.67
CA TYR C 10 -13.37 9.32 17.62
C TYR C 10 -13.03 8.85 19.06
N PHE C 11 -12.17 7.82 19.19
CA PHE C 11 -11.98 7.04 20.46
C PHE C 11 -11.07 7.79 21.47
N PHE C 12 -10.30 8.79 21.04
CA PHE C 12 -9.48 9.68 21.93
C PHE C 12 -10.39 10.45 22.90
N ASP C 13 -11.69 10.57 22.56
CA ASP C 13 -12.74 11.23 23.36
C ASP C 13 -13.58 10.16 24.09
N THR C 14 -14.04 9.12 23.37
CA THR C 14 -14.90 8.02 23.92
C THR C 14 -14.00 6.80 24.27
N TYR C 15 -14.33 5.59 23.78
CA TYR C 15 -13.57 4.33 24.02
C TYR C 15 -13.35 3.59 22.68
N LEU C 16 -12.47 2.57 22.69
CA LEU C 16 -12.23 1.65 21.54
C LEU C 16 -12.55 0.23 21.97
N LEU C 17 -13.46 -0.42 21.25
CA LEU C 17 -13.78 -1.86 21.41
C LEU C 17 -12.78 -2.69 20.60
N ILE C 18 -12.24 -3.76 21.21
CA ILE C 18 -11.47 -4.86 20.56
C ILE C 18 -12.02 -6.17 21.11
N ASN C 19 -12.02 -7.24 20.35
CA ASN C 19 -12.62 -8.52 20.78
C ASN C 19 -11.51 -9.46 21.22
N GLU C 20 -11.80 -10.35 22.16
CA GLU C 20 -10.87 -11.40 22.71
C GLU C 20 -10.19 -12.15 21.57
N ASP C 21 -10.97 -12.55 20.57
CA ASP C 21 -10.58 -13.52 19.51
C ASP C 21 -9.68 -12.86 18.45
N THR C 22 -9.72 -11.52 18.30
CA THR C 22 -8.85 -10.70 17.39
C THR C 22 -7.44 -11.28 17.42
N PRO C 23 -6.97 -12.01 16.36
CA PRO C 23 -5.65 -12.67 16.39
C PRO C 23 -4.47 -11.70 16.57
N VAL C 24 -3.34 -12.22 17.05
CA VAL C 24 -2.06 -11.47 17.11
C VAL C 24 -1.61 -11.21 15.68
N GLY C 25 -1.27 -9.95 15.37
CA GLY C 25 -0.85 -9.52 14.02
C GLY C 25 -1.93 -8.73 13.27
N SER C 26 -3.14 -8.62 13.84
CA SER C 26 -4.36 -8.05 13.18
C SER C 26 -4.36 -6.53 13.29
N SER C 27 -4.94 -5.85 12.28
CA SER C 27 -5.08 -4.37 12.19
C SER C 27 -6.23 -3.94 13.08
N VAL C 28 -5.93 -3.62 14.33
CA VAL C 28 -6.92 -3.28 15.40
C VAL C 28 -7.61 -1.91 15.10
N THR C 29 -6.97 -1.04 14.32
CA THR C 29 -7.49 0.31 13.92
C THR C 29 -6.41 1.02 13.07
N GLN C 30 -6.69 2.25 12.65
CA GLN C 30 -5.71 3.13 11.95
C GLN C 30 -5.78 4.50 12.59
N LEU C 31 -4.69 4.96 13.18
CA LEU C 31 -4.57 6.34 13.70
C LEU C 31 -4.62 7.29 12.53
N LEU C 32 -5.43 8.33 12.62
CA LEU C 32 -5.68 9.32 11.55
C LEU C 32 -5.59 10.72 12.15
N ALA C 33 -4.40 11.31 12.10
CA ALA C 33 -4.09 12.67 12.61
C ALA C 33 -4.07 13.66 11.45
N ARG C 34 -4.19 14.95 11.77
CA ARG C 34 -4.33 16.06 10.79
C ARG C 34 -3.30 17.15 11.13
N ASP C 35 -2.77 17.82 10.09
CA ASP C 35 -1.83 18.96 10.23
C ASP C 35 -2.11 19.95 9.09
N LEU C 36 -2.59 21.15 9.44
CA LEU C 36 -2.92 22.24 8.49
C LEU C 36 -1.68 22.55 7.63
N ASP C 37 -0.49 22.54 8.27
CA ASP C 37 0.85 22.76 7.65
C ASP C 37 1.10 21.73 6.54
N ASN C 38 0.49 20.54 6.63
CA ASN C 38 0.49 19.48 5.57
C ASN C 38 1.90 18.84 5.52
N ASP C 39 2.41 18.39 6.69
CA ASP C 39 3.76 17.79 6.87
C ASP C 39 3.62 16.27 7.08
N HIS C 40 4.56 15.47 6.55
CA HIS C 40 4.55 13.97 6.61
C HIS C 40 4.73 13.50 8.07
N LEU C 41 3.59 13.22 8.76
CA LEU C 41 3.49 12.91 10.21
C LEU C 41 4.01 11.50 10.49
N VAL C 42 4.45 11.26 11.74
CA VAL C 42 5.02 9.97 12.20
C VAL C 42 4.33 9.57 13.52
N PHE C 43 3.64 8.42 13.51
CA PHE C 43 2.84 7.89 14.62
C PHE C 43 3.67 6.88 15.43
N GLY C 44 3.26 6.64 16.67
CA GLY C 44 3.84 5.63 17.56
C GLY C 44 3.00 5.44 18.81
N VAL C 45 3.59 4.86 19.84
CA VAL C 45 2.91 4.56 21.12
C VAL C 45 3.93 4.66 22.28
N VAL C 46 3.46 5.14 23.44
CA VAL C 46 4.27 5.38 24.67
C VAL C 46 3.84 4.37 25.76
N GLY C 47 4.80 3.84 26.53
CA GLY C 47 4.55 3.01 27.72
C GLY C 47 5.43 1.76 27.76
N GLU C 48 5.29 0.97 28.82
CA GLU C 48 5.99 -0.32 29.02
C GLU C 48 5.01 -1.46 28.76
N GLU C 49 3.78 -1.37 29.34
CA GLU C 49 2.66 -2.35 29.15
C GLU C 49 1.85 -1.99 27.88
N ALA C 50 1.63 -0.69 27.65
CA ALA C 50 1.04 -0.16 26.40
C ALA C 50 1.83 -0.71 25.19
N SER C 51 3.17 -0.56 25.21
CA SER C 51 4.13 -0.97 24.13
C SER C 51 4.43 -2.49 24.16
N ARG C 52 3.62 -3.28 24.90
CA ARG C 52 3.71 -4.77 24.96
C ARG C 52 2.40 -5.41 24.49
N PHE C 53 1.36 -4.60 24.16
CA PHE C 53 0.02 -5.05 23.66
C PHE C 53 -0.20 -4.55 22.23
N PHE C 54 0.06 -3.26 21.98
CA PHE C 54 -0.13 -2.61 20.65
C PHE C 54 1.21 -2.11 20.10
N ALA C 55 1.54 -2.52 18.87
CA ALA C 55 2.54 -1.87 17.98
C ALA C 55 1.81 -0.86 17.08
N VAL C 56 2.53 0.10 16.52
CA VAL C 56 1.96 1.15 15.64
C VAL C 56 2.89 1.38 14.45
N GLU C 57 2.31 1.51 13.24
CA GLU C 57 3.03 1.72 11.97
C GLU C 57 3.44 3.20 11.89
N SER C 58 4.77 3.43 11.78
CA SER C 58 5.44 4.77 11.84
C SER C 58 4.74 5.79 10.94
N VAL C 59 4.36 5.39 9.71
CA VAL C 59 3.96 6.31 8.58
C VAL C 59 2.44 6.39 8.48
N THR C 60 1.77 5.23 8.39
CA THR C 60 0.32 5.07 8.08
C THR C 60 -0.50 5.32 9.36
N GLY C 61 -0.16 4.64 10.46
CA GLY C 61 -0.86 4.75 11.77
C GLY C 61 -1.69 3.51 12.09
N VAL C 62 -1.51 2.43 11.34
CA VAL C 62 -2.16 1.13 11.64
C VAL C 62 -1.60 0.65 12.98
N VAL C 63 -2.50 0.25 13.87
CA VAL C 63 -2.21 -0.33 15.20
C VAL C 63 -2.28 -1.86 15.06
N TRP C 64 -1.24 -2.57 15.44
CA TRP C 64 -1.24 -4.07 15.50
C TRP C 64 -1.52 -4.54 16.92
N LEU C 65 -1.82 -5.81 17.06
CA LEU C 65 -1.86 -6.50 18.33
C LEU C 65 -0.63 -7.39 18.42
N ARG C 66 0.23 -7.15 19.44
CA ARG C 66 1.49 -7.91 19.70
C ARG C 66 1.17 -9.14 20.57
N GLN C 67 0.42 -8.97 21.66
CA GLN C 67 0.10 -10.05 22.64
C GLN C 67 -1.40 -10.34 22.60
N PRO C 68 -1.83 -11.64 22.74
CA PRO C 68 -3.26 -11.99 22.77
C PRO C 68 -4.07 -11.27 23.89
N LEU C 69 -5.39 -11.13 23.69
CA LEU C 69 -6.33 -10.47 24.64
C LEU C 69 -7.16 -11.54 25.37
N ASP C 70 -7.79 -11.15 26.49
CA ASP C 70 -8.75 -11.98 27.27
C ASP C 70 -9.49 -11.08 28.28
N ARG C 71 -10.81 -10.91 28.12
CA ARG C 71 -11.64 -9.97 28.92
C ARG C 71 -11.67 -10.45 30.37
N GLU C 72 -11.74 -11.77 30.57
CA GLU C 72 -11.78 -12.47 31.89
C GLU C 72 -10.58 -12.03 32.75
N THR C 73 -9.41 -11.87 32.12
CA THR C 73 -8.16 -11.38 32.74
C THR C 73 -8.25 -9.84 32.90
N LYS C 74 -8.21 -9.11 31.78
CA LYS C 74 -8.20 -7.61 31.73
C LYS C 74 -9.19 -7.14 30.66
N SER C 75 -10.11 -6.24 31.04
CA SER C 75 -11.19 -5.73 30.17
C SER C 75 -10.94 -4.26 29.74
N GLU C 76 -10.20 -3.46 30.55
CA GLU C 76 -9.92 -2.00 30.31
C GLU C 76 -8.40 -1.76 30.15
N PHE C 77 -8.00 -0.63 29.55
CA PHE C 77 -6.58 -0.17 29.40
C PHE C 77 -6.51 1.38 29.45
N THR C 78 -5.32 1.90 29.78
CA THR C 78 -4.87 3.29 29.50
C THR C 78 -3.71 3.20 28.52
N VAL C 79 -3.94 3.62 27.27
CA VAL C 79 -2.92 3.59 26.20
C VAL C 79 -2.64 5.02 25.75
N GLU C 80 -1.35 5.35 25.55
CA GLU C 80 -0.86 6.67 25.10
C GLU C 80 -0.29 6.54 23.69
N PHE C 81 -0.99 7.08 22.68
CA PHE C 81 -0.54 7.14 21.27
C PHE C 81 0.13 8.48 21.01
N SER C 82 1.18 8.47 20.19
CA SER C 82 2.01 9.66 19.85
C SER C 82 1.92 9.95 18.36
N VAL C 83 2.09 11.21 17.99
CA VAL C 83 2.18 11.69 16.59
C VAL C 83 3.13 12.89 16.56
N SER C 84 4.14 12.84 15.69
CA SER C 84 5.20 13.87 15.55
C SER C 84 5.22 14.40 14.11
N ASP C 85 5.66 15.65 13.95
CA ASP C 85 6.00 16.29 12.66
C ASP C 85 7.52 16.59 12.65
N SER C 86 8.28 15.97 13.58
CA SER C 86 9.76 16.15 13.80
C SER C 86 10.06 17.54 14.40
N GLN C 87 9.00 18.26 14.87
CA GLN C 87 9.07 19.62 15.48
C GLN C 87 8.47 19.56 16.89
N GLY C 88 7.21 19.14 16.99
CA GLY C 88 6.51 18.85 18.26
C GLY C 88 5.98 17.43 18.28
N VAL C 89 5.89 16.82 19.46
CA VAL C 89 5.37 15.44 19.68
C VAL C 89 4.11 15.54 20.56
N ILE C 90 2.93 15.47 19.95
CA ILE C 90 1.60 15.50 20.65
C ILE C 90 1.18 14.06 20.96
N LYS C 91 0.57 13.84 22.12
CA LYS C 91 0.12 12.51 22.61
C LYS C 91 -1.38 12.57 22.93
N GLY C 92 -1.98 11.44 23.30
CA GLY C 92 -3.43 11.33 23.56
C GLY C 92 -3.80 10.02 24.24
N THR C 93 -4.55 10.10 25.35
CA THR C 93 -5.01 8.93 26.16
C THR C 93 -6.21 8.31 25.47
N VAL C 94 -6.18 7.00 25.25
CA VAL C 94 -7.29 6.20 24.67
C VAL C 94 -7.66 5.11 25.66
N ASN C 95 -8.91 5.14 26.10
CA ASN C 95 -9.56 4.10 26.91
C ASN C 95 -9.86 2.91 25.97
N ILE C 96 -9.22 1.76 26.18
CA ILE C 96 -9.57 0.49 25.49
C ILE C 96 -10.61 -0.22 26.33
N GLN C 97 -11.51 -0.91 25.67
CA GLN C 97 -12.47 -1.85 26.28
C GLN C 97 -12.36 -3.16 25.49
N VAL C 98 -11.93 -4.23 26.13
CA VAL C 98 -11.93 -5.59 25.52
C VAL C 98 -13.36 -6.12 25.56
N GLY C 99 -13.99 -6.23 24.40
CA GLY C 99 -15.36 -6.76 24.21
C GLY C 99 -15.39 -8.26 24.37
N ASP C 100 -16.52 -8.80 24.81
CA ASP C 100 -16.67 -10.21 25.23
C ASP C 100 -16.86 -11.11 24.00
N VAL C 101 -16.43 -12.36 24.14
CA VAL C 101 -16.82 -13.51 23.29
C VAL C 101 -17.18 -14.66 24.22
N ASN C 102 -18.17 -15.46 23.86
CA ASN C 102 -18.46 -16.73 24.57
C ASN C 102 -17.34 -17.72 24.22
N ASP C 103 -16.22 -17.58 24.92
CA ASP C 103 -14.97 -18.33 24.67
C ASP C 103 -14.79 -19.39 25.77
N ASN C 104 -15.83 -19.62 26.61
CA ASN C 104 -15.75 -20.49 27.82
C ASN C 104 -16.94 -21.44 27.87
N ALA C 105 -16.65 -22.73 27.90
CA ALA C 105 -17.59 -23.80 28.24
C ALA C 105 -17.77 -23.81 29.76
N PRO C 106 -19.02 -23.93 30.27
CA PRO C 106 -19.23 -24.12 31.69
C PRO C 106 -18.37 -25.24 32.26
N ARG C 107 -17.72 -24.98 33.40
CA ARG C 107 -16.87 -25.96 34.12
C ARG C 107 -17.53 -26.29 35.44
N PHE C 108 -17.47 -27.56 35.85
CA PHE C 108 -17.78 -28.04 37.22
C PHE C 108 -16.48 -28.11 38.03
N HIS C 109 -16.57 -28.53 39.30
CA HIS C 109 -15.41 -28.90 40.15
C HIS C 109 -15.77 -30.13 40.98
N ASN C 110 -14.82 -31.03 41.17
CA ASN C 110 -14.89 -32.19 42.13
C ASN C 110 -15.68 -33.37 41.51
N GLN C 111 -15.99 -33.33 40.21
CA GLN C 111 -16.49 -34.53 39.48
C GLN C 111 -15.34 -35.52 39.43
N PRO C 112 -15.59 -36.86 39.29
CA PRO C 112 -16.96 -37.40 39.20
C PRO C 112 -17.75 -37.30 40.53
N TYR C 113 -19.08 -37.22 40.41
CA TYR C 113 -20.02 -37.06 41.54
C TYR C 113 -20.60 -38.43 41.93
N SER C 114 -20.79 -38.66 43.24
CA SER C 114 -21.35 -39.91 43.84
C SER C 114 -22.25 -39.56 45.03
N VAL C 115 -23.49 -40.08 45.04
CA VAL C 115 -24.50 -39.85 46.11
C VAL C 115 -25.10 -41.19 46.53
N ARG C 116 -25.48 -41.31 47.81
CA ARG C 116 -26.11 -42.52 48.41
C ARG C 116 -27.39 -42.12 49.12
N ILE C 117 -28.52 -42.62 48.62
CA ILE C 117 -29.88 -42.42 49.16
C ILE C 117 -30.56 -43.79 49.25
N ALA C 118 -31.50 -43.96 50.18
CA ALA C 118 -32.21 -45.23 50.45
C ALA C 118 -33.49 -45.28 49.64
N GLU C 119 -33.92 -46.48 49.23
CA GLU C 119 -35.16 -46.68 48.44
C GLU C 119 -36.30 -45.84 49.09
N ASN C 120 -36.39 -45.84 50.42
CA ASN C 120 -37.46 -45.16 51.20
C ASN C 120 -37.29 -43.62 51.18
N THR C 121 -36.29 -43.10 50.47
CA THR C 121 -36.12 -41.63 50.25
C THR C 121 -37.41 -41.10 49.63
N PRO C 122 -38.05 -40.06 50.25
CA PRO C 122 -39.31 -39.51 49.74
C PRO C 122 -39.24 -38.78 48.38
N VAL C 123 -40.32 -38.08 48.02
CA VAL C 123 -40.50 -37.37 46.73
C VAL C 123 -40.50 -35.87 47.00
N GLY C 124 -39.84 -35.09 46.14
CA GLY C 124 -39.56 -33.65 46.35
C GLY C 124 -38.47 -33.47 47.40
N THR C 125 -37.60 -34.50 47.55
CA THR C 125 -36.49 -34.62 48.54
C THR C 125 -35.18 -34.25 47.88
N PRO C 126 -34.66 -33.01 48.04
CA PRO C 126 -33.36 -32.65 47.50
C PRO C 126 -32.25 -33.61 47.99
N ILE C 127 -31.51 -34.25 47.05
CA ILE C 127 -30.46 -35.28 47.34
C ILE C 127 -29.05 -34.73 47.07
N PHE C 128 -28.91 -33.78 46.15
CA PHE C 128 -27.60 -33.39 45.60
C PHE C 128 -27.69 -32.04 44.86
N ILE C 129 -26.56 -31.31 44.77
CA ILE C 129 -26.49 -29.89 44.25
C ILE C 129 -25.27 -29.75 43.35
N VAL C 130 -25.36 -28.87 42.34
CA VAL C 130 -24.25 -28.56 41.39
C VAL C 130 -24.28 -27.07 41.03
N ASN C 131 -23.12 -26.43 41.05
CA ASN C 131 -22.86 -25.16 40.32
C ASN C 131 -21.79 -25.43 39.27
N ALA C 132 -22.07 -24.99 38.04
CA ALA C 132 -21.12 -24.96 36.91
C ALA C 132 -20.83 -23.49 36.57
N THR C 133 -19.56 -23.09 36.61
CA THR C 133 -19.14 -21.67 36.56
C THR C 133 -18.87 -21.26 35.13
N ASP C 134 -19.38 -20.08 34.75
CA ASP C 134 -19.18 -19.47 33.42
C ASP C 134 -18.88 -18.00 33.61
N PRO C 135 -17.63 -17.58 33.31
CA PRO C 135 -17.18 -16.20 33.53
C PRO C 135 -17.49 -15.21 32.41
N ASP C 136 -18.13 -15.66 31.34
CA ASP C 136 -18.45 -14.82 30.16
C ASP C 136 -19.42 -13.71 30.61
N GLN C 137 -19.63 -12.70 29.77
CA GLN C 137 -20.57 -11.56 30.04
C GLN C 137 -21.91 -11.87 29.37
N GLY C 138 -22.98 -11.20 29.82
CA GLY C 138 -24.36 -11.36 29.32
C GLY C 138 -24.83 -12.81 29.44
N ALA C 139 -25.83 -13.17 28.65
CA ALA C 139 -26.44 -14.53 28.58
C ALA C 139 -25.33 -15.61 28.47
N GLY C 140 -24.17 -15.26 27.87
CA GLY C 140 -23.00 -16.15 27.71
C GLY C 140 -22.42 -16.65 29.04
N GLY C 141 -22.71 -15.95 30.16
CA GLY C 141 -22.23 -16.30 31.52
C GLY C 141 -23.31 -16.97 32.41
N SER C 142 -24.57 -17.01 31.93
CA SER C 142 -25.74 -17.62 32.64
C SER C 142 -25.86 -19.10 32.25
N VAL C 143 -25.96 -19.99 33.24
CA VAL C 143 -25.94 -21.47 33.08
C VAL C 143 -27.28 -22.05 33.48
N LEU C 144 -27.88 -22.89 32.62
CA LEU C 144 -29.05 -23.73 32.95
C LEU C 144 -28.62 -25.19 32.92
N TYR C 145 -29.10 -25.99 33.88
CA TYR C 145 -28.75 -27.43 34.06
C TYR C 145 -29.93 -28.27 33.60
N SER C 146 -29.68 -29.56 33.37
CA SER C 146 -30.64 -30.54 32.80
C SER C 146 -29.96 -31.90 32.61
N PHE C 147 -30.77 -32.94 32.45
CA PHE C 147 -30.32 -34.33 32.23
C PHE C 147 -30.26 -34.60 30.71
N GLN C 148 -29.39 -35.53 30.30
CA GLN C 148 -29.18 -35.94 28.90
C GLN C 148 -28.40 -37.25 28.89
N PRO C 149 -29.08 -38.44 28.94
CA PRO C 149 -30.54 -38.55 28.75
C PRO C 149 -31.41 -37.89 29.81
N PRO C 150 -32.67 -37.44 29.49
CA PRO C 150 -33.67 -37.10 30.52
C PRO C 150 -33.91 -38.27 31.49
N SER C 151 -34.40 -37.97 32.68
CA SER C 151 -34.68 -38.97 33.76
C SER C 151 -36.13 -38.81 34.25
N SER C 152 -36.72 -39.89 34.75
CA SER C 152 -38.12 -39.98 35.21
C SER C 152 -38.18 -40.10 36.75
N PHE C 153 -37.11 -40.64 37.37
CA PHE C 153 -36.98 -40.85 38.85
C PHE C 153 -36.41 -39.58 39.53
N PHE C 154 -35.49 -38.85 38.87
CA PHE C 154 -34.85 -37.59 39.36
C PHE C 154 -34.97 -36.47 38.34
N ALA C 155 -35.07 -35.22 38.82
CA ALA C 155 -35.17 -33.98 38.00
C ALA C 155 -34.44 -32.83 38.69
N ILE C 156 -33.81 -31.97 37.90
CA ILE C 156 -32.90 -30.91 38.39
C ILE C 156 -33.46 -29.56 38.01
N ASP C 157 -33.69 -28.69 39.00
CA ASP C 157 -34.13 -27.29 38.79
C ASP C 157 -33.11 -26.62 37.90
N SER C 158 -33.46 -26.38 36.63
CA SER C 158 -32.55 -25.87 35.58
C SER C 158 -31.85 -24.56 36.05
N GLY C 159 -32.50 -23.77 36.95
CA GLY C 159 -31.99 -22.47 37.45
C GLY C 159 -30.96 -22.60 38.58
N ARG C 160 -31.24 -23.43 39.59
CA ARG C 160 -30.48 -23.47 40.88
C ARG C 160 -29.53 -24.68 40.90
N GLY C 161 -29.96 -25.82 40.36
CA GLY C 161 -29.11 -27.00 40.10
C GLY C 161 -29.29 -28.09 41.15
N ILE C 162 -30.45 -28.15 41.78
CA ILE C 162 -30.79 -29.08 42.89
C ILE C 162 -31.45 -30.33 42.29
N VAL C 163 -30.75 -31.44 42.27
CA VAL C 163 -31.26 -32.79 41.87
C VAL C 163 -32.15 -33.32 42.99
N SER C 164 -33.49 -33.38 42.78
CA SER C 164 -34.49 -33.96 43.72
C SER C 164 -35.11 -35.24 43.13
N VAL C 165 -35.75 -36.05 43.98
CA VAL C 165 -36.44 -37.33 43.59
C VAL C 165 -37.92 -36.99 43.32
N ILE C 166 -38.45 -37.42 42.14
CA ILE C 166 -39.85 -37.13 41.67
C ILE C 166 -40.70 -38.42 41.65
N ARG C 167 -40.05 -39.58 41.47
CA ARG C 167 -40.70 -40.91 41.46
C ARG C 167 -40.35 -41.63 42.77
N GLY C 168 -40.97 -42.78 43.01
CA GLY C 168 -40.57 -43.71 44.07
C GLY C 168 -39.39 -44.54 43.63
N LEU C 169 -38.64 -45.08 44.57
CA LEU C 169 -37.42 -45.87 44.32
C LEU C 169 -37.59 -47.26 44.93
N ASP C 170 -37.10 -48.29 44.25
CA ASP C 170 -36.98 -49.65 44.82
C ASP C 170 -35.56 -50.13 44.60
N TYR C 171 -34.95 -50.71 45.64
CA TYR C 171 -33.64 -51.39 45.58
C TYR C 171 -33.76 -52.61 44.71
N GLU C 172 -34.82 -53.41 44.98
CA GLU C 172 -35.08 -54.75 44.38
C GLU C 172 -35.24 -54.65 42.84
N ILE C 173 -35.68 -53.48 42.31
CA ILE C 173 -35.79 -53.23 40.84
C ILE C 173 -34.48 -52.56 40.34
N THR C 174 -34.08 -51.39 40.88
CA THR C 174 -32.93 -50.55 40.39
C THR C 174 -32.00 -50.19 41.56
N GLN C 175 -30.76 -50.70 41.54
CA GLN C 175 -29.73 -50.47 42.59
C GLN C 175 -28.95 -49.17 42.28
N ALA C 176 -28.54 -48.99 41.03
CA ALA C 176 -27.67 -47.88 40.56
C ALA C 176 -28.48 -46.92 39.69
N TYR C 177 -27.87 -45.79 39.34
CA TYR C 177 -28.36 -44.79 38.35
C TYR C 177 -27.14 -43.95 37.87
N GLN C 178 -26.59 -44.28 36.69
CA GLN C 178 -25.44 -43.55 36.06
C GLN C 178 -26.03 -42.46 35.16
N LEU C 179 -25.97 -41.20 35.59
CA LEU C 179 -26.64 -40.05 34.89
C LEU C 179 -25.60 -39.13 34.28
N GLN C 180 -26.08 -38.13 33.51
CA GLN C 180 -25.30 -37.08 32.86
C GLN C 180 -25.97 -35.72 33.14
N VAL C 181 -25.38 -34.92 34.02
CA VAL C 181 -25.84 -33.52 34.29
C VAL C 181 -25.27 -32.66 33.18
N ASN C 182 -26.12 -31.87 32.52
CA ASN C 182 -25.70 -31.04 31.36
C ASN C 182 -25.83 -29.53 31.71
N ALA C 183 -24.70 -28.85 31.77
CA ALA C 183 -24.60 -27.41 32.02
C ALA C 183 -24.37 -26.70 30.71
N THR C 184 -25.34 -25.92 30.24
CA THR C 184 -25.36 -25.21 28.93
C THR C 184 -25.70 -23.73 29.16
N ASP C 185 -24.97 -22.83 28.52
CA ASP C 185 -25.14 -21.37 28.72
C ASP C 185 -26.18 -20.84 27.74
N GLN C 186 -26.34 -19.51 27.65
CA GLN C 186 -27.49 -18.83 26.98
C GLN C 186 -26.99 -17.84 25.91
N ASP C 187 -25.77 -18.03 25.37
CA ASP C 187 -25.27 -17.28 24.17
C ASP C 187 -26.28 -17.47 23.03
N LYS C 188 -26.95 -16.39 22.62
CA LYS C 188 -28.12 -16.42 21.70
C LYS C 188 -27.70 -17.07 20.34
N SER C 189 -26.45 -16.83 19.88
CA SER C 189 -25.91 -17.28 18.57
C SER C 189 -25.28 -18.69 18.68
N LYS C 190 -24.10 -18.82 19.34
CA LYS C 190 -23.28 -20.09 19.41
C LYS C 190 -22.97 -20.44 20.86
N PRO C 191 -23.92 -21.07 21.61
CA PRO C 191 -23.67 -21.47 22.99
C PRO C 191 -22.80 -22.74 23.10
N LEU C 192 -22.34 -23.03 24.32
CA LEU C 192 -21.45 -24.19 24.66
C LEU C 192 -22.04 -24.99 25.83
N SER C 193 -21.74 -26.29 25.88
CA SER C 193 -22.31 -27.25 26.85
C SER C 193 -21.25 -28.24 27.32
N THR C 194 -21.31 -28.62 28.63
CA THR C 194 -20.38 -29.53 29.35
C THR C 194 -21.18 -30.67 30.03
N LEU C 195 -20.62 -31.89 30.04
CA LEU C 195 -21.23 -33.12 30.64
C LEU C 195 -20.44 -33.53 31.87
N ALA C 196 -21.12 -33.83 32.99
CA ALA C 196 -20.54 -34.39 34.23
C ALA C 196 -21.38 -35.56 34.70
N ASN C 197 -20.74 -36.66 35.06
CA ASN C 197 -21.41 -37.86 35.58
C ASN C 197 -21.95 -37.58 36.97
N LEU C 198 -23.15 -38.08 37.24
CA LEU C 198 -23.75 -38.13 38.58
C LEU C 198 -24.21 -39.56 38.82
N ALA C 199 -23.50 -40.30 39.69
CA ALA C 199 -23.74 -41.75 39.96
C ALA C 199 -24.48 -41.92 41.30
N ILE C 200 -25.81 -41.80 41.28
CA ILE C 200 -26.71 -42.02 42.44
C ILE C 200 -26.73 -43.53 42.73
N THR C 201 -26.68 -43.92 44.00
CA THR C 201 -26.62 -45.35 44.48
C THR C 201 -27.72 -45.59 45.53
N ILE C 202 -28.59 -46.56 45.27
CA ILE C 202 -29.80 -46.82 46.09
C ILE C 202 -29.48 -47.91 47.09
N THR C 203 -29.86 -47.67 48.34
CA THR C 203 -29.57 -48.54 49.51
C THR C 203 -30.89 -49.22 49.97
N ASP C 204 -30.80 -50.50 50.40
CA ASP C 204 -31.93 -51.40 50.71
C ASP C 204 -32.46 -51.07 52.11
N VAL C 205 -33.75 -51.31 52.34
CA VAL C 205 -34.43 -51.25 53.68
C VAL C 205 -35.32 -52.52 53.81
N GLN C 206 -35.64 -52.93 55.04
CA GLN C 206 -36.53 -54.10 55.33
C GLN C 206 -37.99 -53.67 55.15
N ASP C 207 -38.70 -54.28 54.17
CA ASP C 207 -40.11 -53.93 53.78
C ASP C 207 -40.74 -55.12 53.03
N ASN D 2 29.13 -1.59 -15.16
CA ASN D 2 27.91 -0.93 -14.57
C ASN D 2 26.65 -1.70 -15.05
N ARG D 3 26.35 -2.84 -14.37
CA ARG D 3 25.35 -3.89 -14.81
C ARG D 3 23.92 -3.34 -14.78
N LEU D 4 23.06 -3.86 -15.65
CA LEU D 4 21.68 -3.34 -15.90
C LEU D 4 20.69 -3.90 -14.87
N PRO D 5 19.54 -3.21 -14.64
CA PRO D 5 18.49 -3.73 -13.77
C PRO D 5 17.79 -4.98 -14.33
N TYR D 6 17.05 -5.68 -13.46
CA TYR D 6 16.22 -6.86 -13.79
C TYR D 6 15.01 -6.87 -12.86
N PHE D 7 13.82 -7.18 -13.41
CA PHE D 7 12.52 -7.34 -12.70
C PHE D 7 12.56 -8.61 -11.82
N ILE D 8 11.71 -8.66 -10.79
CA ILE D 8 11.61 -9.81 -9.83
C ILE D 8 10.15 -10.26 -9.65
N ASN D 9 9.15 -9.39 -9.96
CA ASN D 9 7.70 -9.63 -9.64
C ASN D 9 7.27 -11.02 -10.19
N TYR D 10 6.30 -11.65 -9.50
CA TYR D 10 5.76 -13.01 -9.80
C TYR D 10 5.11 -13.06 -11.18
N PHE D 11 4.62 -11.90 -11.68
CA PHE D 11 3.72 -11.84 -12.86
C PHE D 11 4.52 -11.70 -14.18
N PHE D 12 5.85 -11.70 -14.12
CA PHE D 12 6.75 -11.89 -15.30
C PHE D 12 6.92 -13.39 -15.55
N ASP D 13 6.85 -14.21 -14.48
CA ASP D 13 6.90 -15.70 -14.53
C ASP D 13 5.51 -16.23 -14.94
N THR D 14 4.48 -15.98 -14.10
CA THR D 14 3.08 -16.50 -14.22
C THR D 14 2.22 -15.44 -14.98
N TYR D 15 1.28 -14.80 -14.29
CA TYR D 15 0.33 -13.81 -14.86
C TYR D 15 -0.14 -12.87 -13.77
N LEU D 16 -0.47 -11.64 -14.13
CA LEU D 16 -1.13 -10.66 -13.26
C LEU D 16 -2.63 -10.73 -13.53
N LEU D 17 -3.44 -10.94 -12.50
CA LEU D 17 -4.94 -10.91 -12.60
C LEU D 17 -5.46 -9.49 -12.31
N ILE D 18 -6.41 -9.02 -13.12
CA ILE D 18 -7.16 -7.76 -12.86
C ILE D 18 -8.64 -8.03 -13.07
N ASN D 19 -9.43 -8.07 -12.01
CA ASN D 19 -10.90 -8.23 -12.10
C ASN D 19 -11.43 -7.08 -12.94
N GLU D 20 -12.33 -7.37 -13.88
CA GLU D 20 -12.80 -6.40 -14.91
C GLU D 20 -13.45 -5.18 -14.24
N ASP D 21 -14.10 -5.39 -13.08
CA ASP D 21 -14.85 -4.34 -12.32
C ASP D 21 -13.90 -3.22 -11.84
N THR D 22 -12.58 -3.50 -11.76
CA THR D 22 -11.50 -2.53 -11.32
C THR D 22 -11.74 -1.14 -11.91
N PRO D 23 -12.14 -0.12 -11.12
CA PRO D 23 -12.30 1.24 -11.65
C PRO D 23 -11.05 1.80 -12.33
N VAL D 24 -11.23 2.80 -13.19
CA VAL D 24 -10.12 3.52 -13.90
C VAL D 24 -9.36 4.39 -12.91
N GLY D 25 -8.03 4.34 -12.96
CA GLY D 25 -7.12 5.11 -12.10
C GLY D 25 -6.79 4.37 -10.83
N SER D 26 -6.67 3.05 -10.91
CA SER D 26 -6.50 2.18 -9.75
C SER D 26 -5.16 1.50 -9.81
N SER D 27 -4.37 1.62 -8.76
CA SER D 27 -3.19 0.76 -8.53
C SER D 27 -3.63 -0.67 -8.76
N VAL D 28 -3.17 -1.28 -9.85
CA VAL D 28 -3.38 -2.73 -10.13
C VAL D 28 -2.23 -3.53 -9.53
N THR D 29 -1.03 -2.94 -9.46
CA THR D 29 0.22 -3.61 -9.02
C THR D 29 1.32 -2.57 -8.83
N GLN D 30 2.53 -3.03 -8.54
CA GLN D 30 3.77 -2.22 -8.38
C GLN D 30 4.96 -2.99 -8.95
N LEU D 31 5.59 -2.45 -9.98
CA LEU D 31 6.76 -3.06 -10.62
C LEU D 31 7.94 -2.92 -9.68
N LEU D 32 8.76 -3.96 -9.58
CA LEU D 32 9.92 -4.04 -8.66
C LEU D 32 11.16 -4.54 -9.41
N ALA D 33 12.24 -3.76 -9.38
CA ALA D 33 13.50 -4.04 -10.11
C ALA D 33 14.69 -4.04 -9.14
N ARG D 34 15.61 -4.98 -9.31
CA ARG D 34 16.91 -5.04 -8.60
C ARG D 34 18.01 -4.54 -9.52
N ASP D 35 18.70 -3.47 -9.13
CA ASP D 35 19.99 -3.02 -9.73
C ASP D 35 21.11 -3.40 -8.76
N LEU D 36 22.18 -4.02 -9.26
CA LEU D 36 23.33 -4.49 -8.45
C LEU D 36 24.32 -3.32 -8.22
N ASP D 37 24.13 -2.18 -8.94
CA ASP D 37 24.90 -0.91 -8.74
C ASP D 37 24.08 0.06 -7.86
N ASN D 38 22.78 -0.24 -7.66
CA ASN D 38 21.82 0.55 -6.83
C ASN D 38 21.57 1.93 -7.47
N ASP D 39 21.36 1.97 -8.80
CA ASP D 39 21.08 3.21 -9.60
C ASP D 39 19.67 3.73 -9.20
N HIS D 40 19.39 5.03 -9.40
CA HIS D 40 18.04 5.63 -9.17
C HIS D 40 17.20 5.38 -10.42
N LEU D 41 16.40 4.30 -10.41
CA LEU D 41 15.77 3.67 -11.62
C LEU D 41 14.52 4.43 -12.05
N VAL D 42 14.15 4.29 -13.33
CA VAL D 42 12.90 4.81 -13.95
C VAL D 42 12.21 3.67 -14.72
N PHE D 43 10.89 3.54 -14.51
CA PHE D 43 10.01 2.54 -15.14
C PHE D 43 9.19 3.21 -16.25
N GLY D 44 8.55 2.38 -17.08
CA GLY D 44 7.64 2.85 -18.13
C GLY D 44 6.85 1.71 -18.76
N VAL D 45 5.98 2.06 -19.72
CA VAL D 45 5.05 1.17 -20.43
C VAL D 45 5.27 1.35 -21.95
N VAL D 46 5.37 0.25 -22.70
CA VAL D 46 5.78 0.23 -24.14
C VAL D 46 4.58 -0.11 -25.04
N GLY D 47 4.34 0.70 -26.07
CA GLY D 47 3.40 0.41 -27.18
C GLY D 47 2.25 1.41 -27.24
N GLU D 48 1.16 1.02 -27.93
CA GLU D 48 -0.17 1.71 -27.91
C GLU D 48 -1.26 0.69 -27.48
N GLU D 49 -1.08 -0.61 -27.79
CA GLU D 49 -1.95 -1.75 -27.33
C GLU D 49 -1.97 -1.79 -25.78
N ALA D 50 -0.82 -1.50 -25.15
CA ALA D 50 -0.62 -1.44 -23.67
C ALA D 50 -0.93 -0.02 -23.16
N SER D 51 -0.26 1.00 -23.73
CA SER D 51 -0.31 2.44 -23.31
C SER D 51 -1.75 3.00 -23.34
N ARG D 52 -2.70 2.28 -23.95
CA ARG D 52 -4.14 2.64 -23.92
C ARG D 52 -4.77 2.18 -22.58
N PHE D 53 -4.24 1.11 -21.97
CA PHE D 53 -4.80 0.46 -20.72
C PHE D 53 -4.03 0.89 -19.47
N PHE D 54 -2.69 0.85 -19.50
CA PHE D 54 -1.82 0.99 -18.31
C PHE D 54 -0.90 2.22 -18.41
N ALA D 55 -0.92 3.06 -17.37
CA ALA D 55 0.09 4.12 -17.09
C ALA D 55 1.03 3.63 -15.96
N VAL D 56 2.16 4.29 -15.78
CA VAL D 56 3.18 3.93 -14.76
C VAL D 56 3.76 5.21 -14.14
N GLU D 57 3.96 5.22 -12.82
CA GLU D 57 4.78 6.24 -12.10
C GLU D 57 6.25 5.81 -12.22
N SER D 58 7.02 6.53 -13.03
CA SER D 58 8.38 6.16 -13.48
C SER D 58 9.29 5.95 -12.26
N VAL D 59 9.08 6.70 -11.19
CA VAL D 59 9.91 6.66 -9.95
C VAL D 59 9.56 5.40 -9.14
N THR D 60 8.29 5.28 -8.71
CA THR D 60 7.80 4.25 -7.75
C THR D 60 7.64 2.87 -8.44
N GLY D 61 7.15 2.83 -9.68
CA GLY D 61 6.85 1.58 -10.43
C GLY D 61 5.39 1.11 -10.23
N VAL D 62 4.55 1.99 -9.65
CA VAL D 62 3.08 1.79 -9.52
C VAL D 62 2.52 1.73 -10.91
N VAL D 63 1.68 0.74 -11.21
CA VAL D 63 0.94 0.60 -12.49
C VAL D 63 -0.53 0.89 -12.19
N TRP D 64 -1.16 1.76 -12.96
CA TRP D 64 -2.60 2.06 -12.80
C TRP D 64 -3.31 2.02 -14.15
N LEU D 65 -4.63 1.94 -14.10
CA LEU D 65 -5.52 1.60 -15.24
C LEU D 65 -6.04 2.88 -15.88
N ARG D 66 -5.85 3.02 -17.20
CA ARG D 66 -6.30 4.18 -18.02
C ARG D 66 -7.75 3.98 -18.44
N GLN D 67 -8.01 2.97 -19.31
CA GLN D 67 -9.33 2.67 -19.94
C GLN D 67 -9.91 1.40 -19.32
N PRO D 68 -11.27 1.30 -19.10
CA PRO D 68 -11.87 0.15 -18.42
C PRO D 68 -11.59 -1.17 -19.12
N LEU D 69 -11.88 -2.27 -18.43
CA LEU D 69 -11.64 -3.65 -18.90
C LEU D 69 -12.96 -4.34 -19.16
N ASP D 70 -12.92 -5.53 -19.76
CA ASP D 70 -14.08 -6.47 -19.86
C ASP D 70 -13.61 -7.80 -20.43
N ARG D 71 -13.99 -8.90 -19.76
CA ARG D 71 -13.62 -10.29 -20.16
C ARG D 71 -14.49 -10.71 -21.35
N GLU D 72 -15.75 -10.31 -21.33
CA GLU D 72 -16.73 -10.58 -22.41
C GLU D 72 -16.19 -10.00 -23.74
N THR D 73 -15.40 -8.92 -23.66
CA THR D 73 -14.74 -8.24 -24.81
C THR D 73 -13.33 -8.83 -25.00
N LYS D 74 -12.38 -8.51 -24.11
CA LYS D 74 -10.95 -8.94 -24.19
C LYS D 74 -10.57 -9.63 -22.85
N SER D 75 -10.50 -10.98 -22.85
CA SER D 75 -10.32 -11.85 -21.65
C SER D 75 -8.88 -11.82 -21.14
N GLU D 76 -7.91 -12.02 -22.02
CA GLU D 76 -6.46 -11.95 -21.71
C GLU D 76 -5.78 -10.98 -22.69
N PHE D 77 -4.56 -10.55 -22.35
CA PHE D 77 -3.59 -9.94 -23.29
C PHE D 77 -2.24 -9.85 -22.63
N THR D 78 -1.20 -9.61 -23.43
CA THR D 78 0.21 -9.52 -22.99
C THR D 78 0.71 -8.10 -23.19
N VAL D 79 1.48 -7.59 -22.22
CA VAL D 79 2.02 -6.21 -22.16
C VAL D 79 3.51 -6.27 -21.79
N GLU D 80 4.28 -5.26 -22.24
CA GLU D 80 5.74 -5.13 -21.95
C GLU D 80 5.98 -3.86 -21.14
N PHE D 81 6.84 -3.98 -20.12
CA PHE D 81 7.20 -2.90 -19.16
C PHE D 81 8.70 -2.63 -19.28
N SER D 82 9.09 -1.36 -19.14
CA SER D 82 10.47 -0.88 -19.30
C SER D 82 11.00 -0.37 -17.98
N VAL D 83 12.27 -0.65 -17.68
CA VAL D 83 12.98 -0.11 -16.48
C VAL D 83 14.41 0.31 -16.89
N SER D 84 14.75 1.57 -16.66
CA SER D 84 16.01 2.22 -17.12
C SER D 84 16.88 2.58 -15.90
N ASP D 85 18.22 2.54 -16.06
CA ASP D 85 19.22 2.92 -15.02
C ASP D 85 20.03 4.15 -15.49
N SER D 86 19.53 4.85 -16.53
CA SER D 86 20.09 6.10 -17.11
C SER D 86 21.17 5.80 -18.18
N GLN D 87 21.51 4.51 -18.37
CA GLN D 87 22.58 4.05 -19.32
C GLN D 87 22.26 2.62 -19.79
N GLY D 88 21.03 2.40 -20.28
CA GLY D 88 20.53 1.10 -20.74
C GLY D 88 19.12 0.83 -20.24
N VAL D 89 18.30 0.17 -21.06
CA VAL D 89 16.85 -0.12 -20.80
C VAL D 89 16.64 -1.64 -20.81
N ILE D 90 15.69 -2.13 -20.03
CA ILE D 90 15.28 -3.57 -19.98
C ILE D 90 13.76 -3.63 -20.17
N LYS D 91 13.27 -4.61 -20.94
CA LYS D 91 11.84 -4.78 -21.29
C LYS D 91 11.38 -6.18 -20.85
N GLY D 92 10.29 -6.23 -20.07
CA GLY D 92 9.71 -7.47 -19.54
C GLY D 92 8.32 -7.71 -20.07
N THR D 93 7.96 -8.97 -20.26
CA THR D 93 6.71 -9.43 -20.91
C THR D 93 5.80 -10.05 -19.82
N VAL D 94 4.82 -9.28 -19.33
CA VAL D 94 3.79 -9.73 -18.35
C VAL D 94 2.52 -10.14 -19.12
N ASN D 95 2.02 -11.33 -18.86
CA ASN D 95 0.73 -11.83 -19.40
C ASN D 95 -0.38 -11.40 -18.43
N ILE D 96 -1.18 -10.42 -18.82
CA ILE D 96 -2.39 -9.96 -18.06
C ILE D 96 -3.47 -11.04 -18.20
N GLN D 97 -4.42 -11.05 -17.26
CA GLN D 97 -5.63 -11.90 -17.27
C GLN D 97 -6.78 -11.11 -16.63
N VAL D 98 -7.82 -10.82 -17.39
CA VAL D 98 -9.02 -10.11 -16.86
C VAL D 98 -9.92 -11.16 -16.22
N GLY D 99 -10.16 -11.04 -14.93
CA GLY D 99 -11.04 -11.93 -14.15
C GLY D 99 -12.48 -11.48 -14.23
N ASP D 100 -13.42 -12.43 -14.25
CA ASP D 100 -14.87 -12.13 -14.41
C ASP D 100 -15.48 -11.74 -13.08
N VAL D 101 -16.43 -10.81 -13.13
CA VAL D 101 -17.49 -10.63 -12.12
C VAL D 101 -18.86 -10.81 -12.83
N ASN D 102 -19.88 -11.22 -12.09
CA ASN D 102 -21.25 -11.41 -12.57
C ASN D 102 -21.90 -10.03 -12.78
N ASP D 103 -21.47 -9.30 -13.83
CA ASP D 103 -21.98 -7.92 -14.18
C ASP D 103 -22.96 -8.01 -15.35
N ASN D 104 -23.31 -9.24 -15.77
CA ASN D 104 -24.35 -9.52 -16.79
C ASN D 104 -25.53 -10.29 -16.15
N ALA D 105 -26.74 -9.78 -16.34
CA ALA D 105 -28.01 -10.51 -16.10
C ALA D 105 -28.38 -11.24 -17.38
N PRO D 106 -29.16 -12.35 -17.32
CA PRO D 106 -29.47 -13.12 -18.53
C PRO D 106 -30.22 -12.28 -19.59
N ARG D 107 -29.96 -12.57 -20.87
CA ARG D 107 -30.57 -11.87 -22.05
C ARG D 107 -31.51 -12.83 -22.74
N PHE D 108 -32.78 -12.46 -22.86
CA PHE D 108 -33.79 -13.24 -23.60
C PHE D 108 -33.64 -12.95 -25.09
N HIS D 109 -33.90 -13.95 -25.89
CA HIS D 109 -33.91 -13.88 -27.35
C HIS D 109 -35.35 -14.02 -27.83
N ASN D 110 -35.86 -13.01 -28.55
CA ASN D 110 -37.15 -13.07 -29.31
C ASN D 110 -38.34 -12.95 -28.35
N GLN D 111 -38.15 -12.34 -27.17
CA GLN D 111 -39.27 -11.88 -26.31
C GLN D 111 -39.88 -10.67 -26.96
N PRO D 112 -41.16 -10.31 -26.67
CA PRO D 112 -42.09 -11.17 -25.96
C PRO D 112 -42.41 -12.50 -26.66
N TYR D 113 -43.23 -13.33 -25.99
CA TYR D 113 -43.52 -14.73 -26.33
C TYR D 113 -45.02 -14.96 -26.32
N SER D 114 -45.59 -15.31 -27.47
CA SER D 114 -47.03 -15.60 -27.63
C SER D 114 -47.20 -17.02 -28.12
N VAL D 115 -48.24 -17.70 -27.65
CA VAL D 115 -48.59 -19.11 -27.96
C VAL D 115 -50.10 -19.23 -28.02
N ARG D 116 -50.62 -19.92 -29.03
CA ARG D 116 -52.05 -20.28 -29.18
C ARG D 116 -52.18 -21.80 -28.99
N ILE D 117 -52.94 -22.24 -27.98
CA ILE D 117 -53.25 -23.69 -27.74
C ILE D 117 -54.72 -23.84 -27.37
N ALA D 118 -55.30 -25.02 -27.62
CA ALA D 118 -56.73 -25.36 -27.43
C ALA D 118 -56.90 -25.95 -26.03
N GLU D 119 -58.10 -25.78 -25.44
CA GLU D 119 -58.40 -26.21 -24.04
C GLU D 119 -58.14 -27.72 -23.91
N ASN D 120 -58.40 -28.48 -24.98
CA ASN D 120 -58.30 -29.98 -24.99
C ASN D 120 -56.82 -30.42 -24.90
N THR D 121 -55.83 -29.51 -25.11
CA THR D 121 -54.37 -29.83 -25.07
C THR D 121 -54.10 -30.69 -23.86
N PRO D 122 -53.61 -31.94 -24.02
CA PRO D 122 -53.38 -32.83 -22.87
C PRO D 122 -52.32 -32.30 -21.89
N VAL D 123 -52.33 -32.84 -20.67
CA VAL D 123 -51.36 -32.50 -19.57
C VAL D 123 -50.02 -33.16 -19.84
N GLY D 124 -48.94 -32.48 -19.49
CA GLY D 124 -47.57 -32.92 -19.72
C GLY D 124 -47.15 -32.69 -21.16
N THR D 125 -47.93 -31.91 -21.91
CA THR D 125 -47.64 -31.58 -23.32
C THR D 125 -46.73 -30.35 -23.33
N PRO D 126 -45.50 -30.44 -23.91
CA PRO D 126 -44.69 -29.23 -24.13
C PRO D 126 -45.36 -28.35 -25.17
N ILE D 127 -45.47 -27.06 -24.90
CA ILE D 127 -46.33 -26.13 -25.68
C ILE D 127 -45.50 -24.96 -26.20
N PHE D 128 -44.36 -24.67 -25.54
CA PHE D 128 -43.38 -23.68 -25.99
C PHE D 128 -42.05 -23.91 -25.31
N ILE D 129 -41.00 -23.35 -25.89
CA ILE D 129 -39.63 -23.37 -25.33
C ILE D 129 -39.10 -21.97 -25.38
N VAL D 130 -38.25 -21.64 -24.42
CA VAL D 130 -37.71 -20.29 -24.15
C VAL D 130 -36.20 -20.45 -23.94
N ASN D 131 -35.47 -19.37 -24.16
CA ASN D 131 -34.00 -19.36 -24.08
C ASN D 131 -33.51 -17.94 -23.72
N ALA D 132 -32.85 -17.82 -22.58
CA ALA D 132 -31.99 -16.69 -22.21
C ALA D 132 -30.55 -17.20 -22.11
N THR D 133 -29.59 -16.41 -22.61
CA THR D 133 -28.13 -16.67 -22.54
C THR D 133 -27.53 -15.83 -21.40
N ASP D 134 -26.28 -16.13 -21.06
CA ASP D 134 -25.50 -15.36 -20.07
C ASP D 134 -24.02 -15.53 -20.43
N PRO D 135 -23.31 -14.43 -20.75
CA PRO D 135 -21.92 -14.52 -21.21
C PRO D 135 -20.86 -14.71 -20.11
N ASP D 136 -21.26 -14.67 -18.82
CA ASP D 136 -20.34 -14.64 -17.63
C ASP D 136 -19.67 -16.00 -17.42
N GLN D 137 -18.74 -16.06 -16.45
CA GLN D 137 -17.86 -17.23 -16.17
C GLN D 137 -18.64 -18.34 -15.46
N GLY D 138 -18.68 -19.55 -16.07
CA GLY D 138 -19.21 -20.80 -15.47
C GLY D 138 -20.59 -20.61 -14.83
N ALA D 139 -20.71 -20.86 -13.52
CA ALA D 139 -21.91 -20.57 -12.71
C ALA D 139 -22.00 -19.06 -12.52
N GLY D 140 -23.17 -18.46 -12.74
CA GLY D 140 -23.33 -17.00 -12.89
C GLY D 140 -23.40 -16.62 -14.37
N GLY D 141 -22.80 -17.44 -15.23
CA GLY D 141 -23.08 -17.49 -16.68
C GLY D 141 -23.92 -18.72 -17.05
N SER D 142 -24.47 -19.41 -16.04
CA SER D 142 -25.42 -20.56 -16.15
C SER D 142 -26.80 -20.13 -15.60
N VAL D 143 -27.89 -20.47 -16.34
CA VAL D 143 -29.28 -19.91 -16.14
C VAL D 143 -30.23 -21.03 -15.71
N LEU D 144 -31.18 -20.67 -14.84
CA LEU D 144 -32.39 -21.48 -14.52
C LEU D 144 -33.64 -20.64 -14.83
N TYR D 145 -34.70 -21.28 -15.27
CA TYR D 145 -35.99 -20.66 -15.62
C TYR D 145 -37.04 -21.05 -14.56
N SER D 146 -38.01 -20.18 -14.35
CA SER D 146 -39.18 -20.37 -13.46
C SER D 146 -40.22 -19.31 -13.78
N PHE D 147 -41.46 -19.51 -13.34
CA PHE D 147 -42.58 -18.55 -13.49
C PHE D 147 -42.56 -17.60 -12.29
N GLN D 148 -43.05 -16.40 -12.47
CA GLN D 148 -43.04 -15.34 -11.45
C GLN D 148 -44.20 -14.37 -11.70
N PRO D 149 -45.30 -14.43 -10.90
CA PRO D 149 -45.46 -15.42 -9.83
C PRO D 149 -45.58 -16.84 -10.33
N PRO D 150 -45.51 -17.87 -9.44
CA PRO D 150 -45.68 -19.28 -9.84
C PRO D 150 -47.01 -19.56 -10.55
N SER D 151 -47.05 -20.59 -11.37
CA SER D 151 -48.24 -20.96 -12.17
C SER D 151 -48.76 -22.29 -11.69
N SER D 152 -50.07 -22.42 -11.62
CA SER D 152 -50.82 -23.62 -11.17
C SER D 152 -51.21 -24.46 -12.38
N PHE D 153 -51.25 -23.86 -13.56
CA PHE D 153 -51.76 -24.47 -14.79
C PHE D 153 -50.62 -24.75 -15.78
N PHE D 154 -49.42 -24.17 -15.55
CA PHE D 154 -48.24 -24.34 -16.43
C PHE D 154 -46.99 -24.57 -15.59
N ALA D 155 -46.05 -25.32 -16.17
CA ALA D 155 -44.72 -25.63 -15.61
C ALA D 155 -43.67 -25.22 -16.63
N ILE D 156 -42.40 -25.19 -16.22
CA ILE D 156 -41.22 -24.86 -17.08
C ILE D 156 -39.98 -25.60 -16.52
N ASP D 157 -39.27 -26.33 -17.38
CA ASP D 157 -38.05 -27.08 -17.01
C ASP D 157 -36.98 -26.07 -16.60
N SER D 158 -36.58 -26.09 -15.32
CA SER D 158 -35.52 -25.22 -14.74
C SER D 158 -34.29 -25.23 -15.65
N GLY D 159 -33.85 -26.41 -16.09
CA GLY D 159 -32.69 -26.61 -16.97
C GLY D 159 -32.91 -26.08 -18.40
N ARG D 160 -34.00 -26.54 -19.08
CA ARG D 160 -34.13 -26.49 -20.58
C ARG D 160 -35.07 -25.38 -21.06
N GLY D 161 -35.87 -24.80 -20.16
CA GLY D 161 -36.77 -23.67 -20.48
C GLY D 161 -37.97 -24.11 -21.31
N ILE D 162 -38.51 -25.30 -21.02
CA ILE D 162 -39.63 -25.95 -21.77
C ILE D 162 -40.92 -25.72 -21.00
N VAL D 163 -41.88 -25.04 -21.58
CA VAL D 163 -43.18 -24.75 -20.92
C VAL D 163 -44.17 -25.89 -21.25
N SER D 164 -44.56 -26.67 -20.24
CA SER D 164 -45.58 -27.75 -20.35
C SER D 164 -46.89 -27.36 -19.59
N VAL D 165 -48.01 -27.98 -19.99
CA VAL D 165 -49.33 -27.99 -19.25
C VAL D 165 -49.18 -28.99 -18.07
N ILE D 166 -49.78 -28.68 -16.91
CA ILE D 166 -49.69 -29.55 -15.69
C ILE D 166 -51.10 -29.85 -15.15
N ARG D 167 -52.03 -28.87 -15.20
CA ARG D 167 -53.48 -29.10 -14.94
C ARG D 167 -54.26 -28.84 -16.24
N GLY D 168 -55.40 -29.48 -16.39
CA GLY D 168 -56.28 -29.31 -17.56
C GLY D 168 -56.80 -27.89 -17.69
N LEU D 169 -56.83 -27.37 -18.91
CA LEU D 169 -57.31 -26.01 -19.23
C LEU D 169 -58.80 -26.06 -19.46
N ASP D 170 -59.45 -24.91 -19.59
CA ASP D 170 -60.89 -24.80 -19.92
C ASP D 170 -61.16 -23.38 -20.40
N TYR D 171 -61.56 -23.22 -21.66
CA TYR D 171 -61.82 -21.92 -22.31
C TYR D 171 -62.93 -21.17 -21.55
N GLU D 172 -63.92 -21.89 -21.06
CA GLU D 172 -65.15 -21.33 -20.44
C GLU D 172 -64.77 -20.54 -19.19
N ILE D 173 -63.69 -20.96 -18.49
CA ILE D 173 -63.19 -20.40 -17.19
C ILE D 173 -62.09 -19.33 -17.45
N THR D 174 -61.09 -19.64 -18.32
CA THR D 174 -59.88 -18.80 -18.62
C THR D 174 -59.60 -18.78 -20.14
N GLN D 175 -59.60 -17.60 -20.77
CA GLN D 175 -59.46 -17.43 -22.25
C GLN D 175 -58.02 -16.98 -22.63
N ALA D 176 -57.16 -16.73 -21.64
CA ALA D 176 -55.74 -16.39 -21.84
C ALA D 176 -54.96 -16.50 -20.52
N TYR D 177 -53.66 -16.40 -20.59
CA TYR D 177 -52.73 -16.46 -19.45
C TYR D 177 -51.53 -15.56 -19.77
N GLN D 178 -51.38 -14.45 -19.05
CA GLN D 178 -50.22 -13.52 -19.17
C GLN D 178 -49.21 -13.86 -18.03
N LEU D 179 -48.27 -14.74 -18.34
CA LEU D 179 -47.25 -15.26 -17.44
C LEU D 179 -45.97 -14.46 -17.60
N GLN D 180 -45.05 -14.62 -16.65
CA GLN D 180 -43.69 -14.03 -16.69
C GLN D 180 -42.68 -15.15 -16.43
N VAL D 181 -41.86 -15.45 -17.41
CA VAL D 181 -40.72 -16.38 -17.30
C VAL D 181 -39.58 -15.61 -16.72
N ASN D 182 -38.97 -16.16 -15.69
CA ASN D 182 -37.86 -15.53 -14.93
C ASN D 182 -36.58 -16.32 -15.16
N ALA D 183 -35.54 -15.65 -15.59
CA ALA D 183 -34.22 -16.21 -15.85
C ALA D 183 -33.24 -15.65 -14.85
N THR D 184 -32.80 -16.47 -13.89
CA THR D 184 -31.76 -16.13 -12.88
C THR D 184 -30.52 -16.89 -13.20
N ASP D 185 -29.35 -16.37 -12.81
CA ASP D 185 -28.07 -17.10 -12.94
C ASP D 185 -27.73 -17.72 -11.58
N GLN D 186 -26.87 -18.73 -11.61
CA GLN D 186 -26.48 -19.52 -10.42
C GLN D 186 -25.25 -18.88 -9.80
N ASP D 187 -25.48 -17.99 -8.84
CA ASP D 187 -24.42 -17.30 -8.04
C ASP D 187 -24.94 -17.14 -6.61
N LYS D 188 -24.29 -17.82 -5.65
CA LYS D 188 -24.64 -17.77 -4.20
C LYS D 188 -24.55 -16.30 -3.71
N SER D 189 -23.51 -15.57 -4.15
CA SER D 189 -23.17 -14.18 -3.73
C SER D 189 -23.55 -13.18 -4.84
N LYS D 190 -24.71 -12.53 -4.71
CA LYS D 190 -25.27 -11.52 -5.68
C LYS D 190 -25.63 -12.21 -7.01
N PRO D 191 -26.73 -13.01 -7.07
CA PRO D 191 -27.29 -13.47 -8.34
C PRO D 191 -28.06 -12.36 -9.08
N LEU D 192 -28.29 -12.54 -10.39
CA LEU D 192 -28.98 -11.56 -11.29
C LEU D 192 -30.11 -12.27 -12.04
N SER D 193 -31.27 -11.62 -12.14
CA SER D 193 -32.50 -12.18 -12.76
C SER D 193 -32.99 -11.27 -13.87
N THR D 194 -33.88 -11.78 -14.72
CA THR D 194 -34.47 -11.09 -15.89
C THR D 194 -35.88 -11.66 -16.15
N LEU D 195 -36.85 -10.79 -16.50
CA LEU D 195 -38.27 -11.17 -16.76
C LEU D 195 -38.60 -11.00 -18.25
N ALA D 196 -39.36 -11.93 -18.79
CA ALA D 196 -39.88 -11.92 -20.17
C ALA D 196 -41.35 -12.35 -20.13
N ASN D 197 -42.17 -11.79 -21.01
CA ASN D 197 -43.63 -12.05 -21.06
C ASN D 197 -43.90 -13.25 -21.97
N LEU D 198 -44.60 -14.27 -21.44
CA LEU D 198 -45.13 -15.42 -22.22
C LEU D 198 -46.66 -15.40 -22.13
N ALA D 199 -47.34 -14.99 -23.18
CA ALA D 199 -48.83 -14.86 -23.21
C ALA D 199 -49.46 -16.06 -23.96
N ILE D 200 -50.01 -17.04 -23.23
CA ILE D 200 -50.78 -18.20 -23.80
C ILE D 200 -52.24 -17.78 -24.01
N THR D 201 -52.68 -17.77 -25.29
CA THR D 201 -54.09 -17.63 -25.73
C THR D 201 -54.71 -19.01 -25.78
N ILE D 202 -56.00 -19.12 -25.41
CA ILE D 202 -56.76 -20.41 -25.43
C ILE D 202 -57.84 -20.35 -26.50
N THR D 203 -57.96 -21.42 -27.27
CA THR D 203 -59.00 -21.58 -28.31
C THR D 203 -60.10 -22.48 -27.76
N ASP D 204 -61.35 -22.02 -27.88
CA ASP D 204 -62.58 -22.75 -27.50
C ASP D 204 -62.59 -24.05 -28.32
N VAL D 205 -63.11 -25.14 -27.72
CA VAL D 205 -63.40 -26.44 -28.38
C VAL D 205 -64.75 -26.93 -27.88
N GLN D 206 -65.56 -27.55 -28.76
CA GLN D 206 -66.89 -28.12 -28.39
C GLN D 206 -66.67 -29.30 -27.42
N ASP D 207 -67.19 -29.18 -26.18
CA ASP D 207 -67.10 -30.21 -25.11
C ASP D 207 -68.32 -30.06 -24.15
N MET D 208 -69.54 -30.01 -24.71
CA MET D 208 -70.82 -30.02 -23.95
C MET D 208 -71.18 -31.48 -23.63
N ASP D 209 -71.07 -32.36 -24.66
CA ASP D 209 -71.19 -33.85 -24.56
C ASP D 209 -72.55 -34.22 -23.96
CA CA E . 30.30 4.68 9.84
CA CA F . 25.21 0.03 10.20
CA CA G . 23.21 -0.56 13.56
CA CA H . -7.91 -25.92 -2.07
CA CA I . 67.85 22.65 24.31
CA CA J . 66.75 24.17 20.66
CA CA K . 35.52 -1.39 8.84
CL CL L . 40.85 11.27 24.10
C1 GOL M . 45.78 6.08 27.29
O1 GOL M . 44.53 5.90 26.68
C2 GOL M . 46.84 5.26 26.61
O2 GOL M . 46.22 4.26 25.79
C3 GOL M . 47.77 6.08 25.76
O3 GOL M . 47.19 6.33 24.52
CA CA N . 14.46 29.65 -22.23
CA CA O . 8.63 26.51 -20.22
CA CA P . 6.86 23.61 -22.69
CA CA Q . -21.69 8.52 5.44
CA CA R . 39.43 48.67 -53.47
CA CA S . 40.60 48.47 -50.35
CA CA T . 10.45 36.24 -23.72
CA CA U . 17.36 34.15 -44.63
CA CA V . -19.91 -19.70 28.18
CA CA W . -15.49 -14.12 27.57
CA CA X . -10.68 -15.88 26.69
CA CA Y . 3.46 21.34 11.97
CA CA Z . -36.04 -53.71 50.19
CA CA AA . -38.68 -52.05 48.15
CA CA BA . -15.54 -36.16 43.40
CA CA CA . -25.67 -21.68 41.35
CA CA DA . -21.77 -16.00 35.10
CA CA EA . -18.58 -10.29 -16.38
CA CA FA . -18.19 -7.23 -18.28
CA CA GA . -24.64 -13.53 -15.19
CA CA HA . 23.30 -0.30 -13.57
CA CA IA . -64.70 -26.47 -21.88
CA CA JA . -65.85 -25.25 -25.24
CA CA KA . -23.24 -18.93 -20.56
CL CL LA . -41.12 -9.61 -22.83
C1 GOL MA . -41.89 -11.71 -30.75
O1 GOL MA . -41.14 -11.42 -29.60
C2 GOL MA . -41.75 -13.15 -31.12
O2 GOL MA . -40.39 -13.56 -31.01
C3 GOL MA . -42.60 -14.07 -30.28
O3 GOL MA . -41.80 -15.03 -29.62
#